data_3Q6C
#
_entry.id   3Q6C
#
_cell.length_a   58.714
_cell.length_b   93.613
_cell.length_c   137.340
_cell.angle_alpha   90.00
_cell.angle_beta   97.31
_cell.angle_gamma   90.00
#
_symmetry.space_group_name_H-M   'P 1 21 1'
#
loop_
_entity.id
_entity.type
_entity.pdbx_description
1 polymer 'probable receptor YhhM'
2 water water
#
_entity_poly.entity_id   1
_entity_poly.type   'polypeptide(L)'
_entity_poly.pdbx_seq_one_letter_code
;LLQKRVIVSNKREKVINDRRSRQQTVTPAGSE(MSE)RYEASFRPENGGLEVVFRLDAPQYHALSVGDRG(MSE)LSYKG
TAFVAFTPDPL
;
_entity_poly.pdbx_strand_id   A,B,C,D,E,F,G,H,I,J,K,L,M,N,O,P
#
# COMPACT_ATOMS: atom_id res chain seq x y z
N LEU A 1 -3.44 11.40 19.41
CA LEU A 1 -3.65 10.10 18.70
C LEU A 1 -3.21 8.89 19.53
N LEU A 2 -3.88 8.67 20.66
CA LEU A 2 -3.57 7.56 21.56
C LEU A 2 -4.49 6.34 21.44
N GLN A 3 -4.13 5.29 22.19
CA GLN A 3 -4.85 4.04 22.28
C GLN A 3 -4.87 3.64 23.76
N LYS A 4 -6.00 3.11 24.22
CA LYS A 4 -6.15 2.68 25.61
C LYS A 4 -7.14 1.51 25.69
N ARG A 5 -6.86 0.53 26.54
CA ARG A 5 -7.75 -0.62 26.70
C ARG A 5 -8.89 -0.22 27.61
N VAL A 6 -10.12 -0.34 27.11
CA VAL A 6 -11.27 0.04 27.94
C VAL A 6 -12.42 -0.92 27.69
N ILE A 7 -13.50 -0.70 28.43
CA ILE A 7 -14.70 -1.49 28.27
C ILE A 7 -15.77 -0.51 27.82
N VAL A 8 -16.71 -0.99 27.03
CA VAL A 8 -17.80 -0.14 26.55
C VAL A 8 -18.82 0.06 27.66
N SER A 9 -18.58 1.10 28.47
CA SER A 9 -19.41 1.49 29.60
C SER A 9 -20.89 1.46 29.31
N ASN A 10 -21.34 2.37 28.46
CA ASN A 10 -22.74 2.47 28.12
C ASN A 10 -22.97 3.25 26.85
N LYS A 11 -24.20 3.17 26.35
CA LYS A 11 -24.61 3.84 25.13
C LYS A 11 -25.95 4.55 25.35
N ARG A 12 -26.06 5.76 24.84
CA ARG A 12 -27.29 6.50 24.98
C ARG A 12 -27.70 7.08 23.65
N GLU A 13 -29.00 6.97 23.36
CA GLU A 13 -29.58 7.51 22.14
C GLU A 13 -30.49 8.60 22.68
N LYS A 14 -30.36 9.80 22.14
CA LYS A 14 -31.14 10.92 22.61
C LYS A 14 -31.67 11.76 21.45
N VAL A 15 -32.87 12.31 21.63
CA VAL A 15 -33.46 13.14 20.59
C VAL A 15 -33.33 14.60 20.95
N ILE A 16 -32.98 15.43 19.97
CA ILE A 16 -32.82 16.88 20.17
C ILE A 16 -33.48 17.69 19.04
N ASN A 17 -33.25 19.00 19.04
CA ASN A 17 -33.84 19.87 18.03
C ASN A 17 -32.78 20.76 17.37
N GLU A 32 -31.55 15.79 14.97
CA GLU A 32 -32.66 15.30 15.77
C GLU A 32 -32.18 14.17 16.68
N MSE A 33 -31.41 13.24 16.12
CA MSE A 33 -30.89 12.12 16.89
C MSE A 33 -29.43 12.31 17.26
O MSE A 33 -28.60 12.59 16.41
CB MSE A 33 -31.04 10.83 16.09
CG MSE A 33 -32.48 10.42 15.87
SE MSE A 33 -33.36 10.00 17.55
CE MSE A 33 -33.54 8.09 17.29
N ARG A 34 -29.13 12.15 18.55
CA ARG A 34 -27.76 12.28 19.03
C ARG A 34 -27.31 10.96 19.64
N TYR A 35 -26.10 10.55 19.32
CA TYR A 35 -25.59 9.30 19.85
C TYR A 35 -24.32 9.50 20.69
N GLU A 36 -24.23 8.76 21.79
CA GLU A 36 -23.09 8.84 22.70
C GLU A 36 -22.70 7.47 23.25
N ALA A 37 -21.41 7.22 23.33
CA ALA A 37 -20.90 5.98 23.86
C ALA A 37 -19.88 6.31 24.93
N SER A 38 -19.92 5.59 26.04
CA SER A 38 -18.98 5.83 27.11
C SER A 38 -17.99 4.68 27.21
N PHE A 39 -16.73 5.01 27.40
CA PHE A 39 -15.69 4.01 27.54
C PHE A 39 -15.05 4.15 28.92
N ARG A 40 -14.80 3.02 29.55
CA ARG A 40 -14.21 3.02 30.88
C ARG A 40 -12.98 2.14 30.96
N PRO A 41 -11.98 2.55 31.74
CA PRO A 41 -10.76 1.77 31.88
C PRO A 41 -11.02 0.45 32.61
N GLU A 42 -10.40 -0.63 32.16
CA GLU A 42 -10.57 -1.93 32.81
C GLU A 42 -10.05 -1.86 34.24
N GLY A 45 -11.89 2.83 36.65
CA GLY A 45 -12.97 3.74 36.99
C GLY A 45 -12.81 5.08 36.31
N LEU A 46 -13.91 5.62 35.78
CA LEU A 46 -13.83 6.91 35.10
C LEU A 46 -14.27 6.85 33.64
N GLU A 47 -15.55 7.12 33.39
CA GLU A 47 -16.08 7.09 32.03
C GLU A 47 -15.71 8.30 31.19
N VAL A 48 -15.59 8.08 29.89
CA VAL A 48 -15.28 9.16 28.96
C VAL A 48 -16.34 9.09 27.86
N VAL A 49 -17.01 10.20 27.63
CA VAL A 49 -18.08 10.27 26.64
C VAL A 49 -17.64 10.76 25.27
N PHE A 50 -17.96 9.97 24.25
CA PHE A 50 -17.65 10.31 22.87
C PHE A 50 -18.92 10.40 22.04
N ARG A 51 -19.01 11.42 21.19
CA ARG A 51 -20.16 11.59 20.32
C ARG A 51 -19.89 10.76 19.07
N LEU A 52 -20.90 10.05 18.59
CA LEU A 52 -20.75 9.22 17.40
C LEU A 52 -21.93 9.42 16.47
N ASP A 53 -21.81 8.94 15.23
CA ASP A 53 -22.95 9.01 14.34
C ASP A 53 -23.60 7.65 14.56
N ALA A 54 -24.75 7.41 13.94
CA ALA A 54 -25.46 6.16 14.14
C ALA A 54 -24.73 4.90 13.70
N PRO A 55 -24.19 4.88 12.47
CA PRO A 55 -23.48 3.67 12.02
C PRO A 55 -22.37 3.24 12.99
N GLN A 56 -21.57 4.22 13.40
CA GLN A 56 -20.46 3.99 14.30
C GLN A 56 -21.02 3.51 15.64
N TYR A 57 -22.14 4.11 16.04
CA TYR A 57 -22.80 3.78 17.30
C TYR A 57 -23.37 2.36 17.32
N HIS A 58 -24.12 2.00 16.28
CA HIS A 58 -24.69 0.67 16.23
C HIS A 58 -23.62 -0.40 16.07
N ALA A 59 -22.40 0.01 15.75
CA ALA A 59 -21.29 -0.93 15.59
C ALA A 59 -20.73 -1.38 16.94
N LEU A 60 -20.94 -0.56 17.98
CA LEU A 60 -20.44 -0.87 19.31
C LEU A 60 -21.40 -1.75 20.10
N SER A 61 -20.84 -2.46 21.08
CA SER A 61 -21.64 -3.33 21.95
C SER A 61 -21.34 -3.09 23.42
N VAL A 62 -22.31 -2.52 24.12
CA VAL A 62 -22.12 -2.25 25.54
C VAL A 62 -21.65 -3.52 26.21
N GLY A 63 -20.50 -3.43 26.87
CA GLY A 63 -19.97 -4.61 27.55
C GLY A 63 -18.66 -5.12 26.97
N ASP A 64 -18.44 -4.88 25.69
CA ASP A 64 -17.21 -5.31 25.04
C ASP A 64 -16.02 -4.55 25.60
N ARG A 65 -14.87 -5.20 25.66
CA ARG A 65 -13.67 -4.55 26.12
C ARG A 65 -12.66 -4.67 24.99
N GLY A 66 -11.90 -3.62 24.77
CA GLY A 66 -10.93 -3.67 23.70
C GLY A 66 -10.09 -2.43 23.63
N MSE A 67 -9.62 -2.11 22.43
CA MSE A 67 -8.76 -0.97 22.19
C MSE A 67 -9.52 0.24 21.65
O MSE A 67 -10.17 0.15 20.60
CB MSE A 67 -7.65 -1.36 21.21
CG MSE A 67 -6.38 -0.54 21.32
SE MSE A 67 -5.48 -0.80 23.03
CE MSE A 67 -5.11 -2.70 22.88
N LEU A 68 -9.42 1.36 22.36
CA LEU A 68 -10.08 2.59 21.95
C LEU A 68 -9.04 3.56 21.39
N SER A 69 -9.23 3.97 20.13
CA SER A 69 -8.31 4.92 19.51
C SER A 69 -8.99 6.26 19.59
N TYR A 70 -8.26 7.27 20.02
CA TYR A 70 -8.86 8.60 20.13
C TYR A 70 -7.88 9.77 20.14
N LYS A 71 -8.35 10.90 19.66
CA LYS A 71 -7.58 12.13 19.65
C LYS A 71 -8.45 13.15 20.40
N GLY A 72 -8.08 13.43 21.64
CA GLY A 72 -8.86 14.36 22.46
C GLY A 72 -10.24 13.77 22.66
N THR A 73 -11.27 14.58 22.45
CA THR A 73 -12.64 14.11 22.61
C THR A 73 -13.19 13.55 21.30
N ALA A 74 -12.31 13.28 20.35
CA ALA A 74 -12.72 12.74 19.05
C ALA A 74 -12.49 11.23 18.96
N PHE A 75 -13.58 10.49 18.86
CA PHE A 75 -13.52 9.05 18.75
C PHE A 75 -12.89 8.71 17.41
N VAL A 76 -11.85 7.87 17.42
CA VAL A 76 -11.24 7.50 16.17
C VAL A 76 -11.54 6.05 15.84
N ALA A 77 -11.78 5.23 16.87
CA ALA A 77 -12.10 3.83 16.66
C ALA A 77 -12.08 3.01 17.93
N PHE A 78 -12.79 1.89 17.89
CA PHE A 78 -12.81 0.96 19.00
C PHE A 78 -12.79 -0.45 18.44
N THR A 79 -11.68 -1.16 18.68
CA THR A 79 -11.52 -2.51 18.19
C THR A 79 -11.70 -3.52 19.34
N PRO A 80 -12.87 -4.17 19.42
CA PRO A 80 -13.07 -5.15 20.50
C PRO A 80 -12.04 -6.26 20.44
N ASP A 81 -11.72 -6.84 21.59
CA ASP A 81 -10.74 -7.93 21.63
C ASP A 81 -11.19 -9.03 20.66
N PRO A 82 -10.23 -9.58 19.90
CA PRO A 82 -10.52 -10.64 18.93
C PRO A 82 -11.35 -11.82 19.45
N LEU B 1 72.55 -14.35 -6.75
CA LEU B 1 73.94 -14.71 -6.36
C LEU B 1 73.96 -15.49 -5.03
N LEU B 2 72.99 -15.25 -4.18
CA LEU B 2 72.93 -15.94 -2.88
C LEU B 2 72.18 -17.27 -2.95
N GLN B 3 72.69 -18.26 -2.21
CA GLN B 3 72.07 -19.58 -2.18
C GLN B 3 72.04 -20.14 -0.77
N LYS B 4 70.92 -20.74 -0.39
CA LYS B 4 70.75 -21.31 0.94
C LYS B 4 69.90 -22.55 0.86
N ARG B 5 70.29 -23.59 1.59
CA ARG B 5 69.52 -24.83 1.62
C ARG B 5 68.32 -24.53 2.50
N VAL B 6 67.13 -24.89 2.05
CA VAL B 6 65.93 -24.62 2.85
C VAL B 6 64.84 -25.63 2.59
N ILE B 7 63.72 -25.43 3.27
CA ILE B 7 62.56 -26.28 3.11
C ILE B 7 61.39 -25.35 2.79
N VAL B 8 60.57 -25.74 1.81
CA VAL B 8 59.41 -24.91 1.45
C VAL B 8 58.47 -25.14 2.61
N SER B 9 58.48 -24.21 3.55
CA SER B 9 57.67 -24.36 4.74
C SER B 9 56.30 -23.70 4.69
N ASN B 10 56.09 -22.78 3.77
CA ASN B 10 54.80 -22.10 3.72
C ASN B 10 54.36 -21.58 2.35
N LYS B 11 53.08 -21.72 2.06
CA LYS B 11 52.50 -21.20 0.84
C LYS B 11 51.23 -20.48 1.25
N ARG B 12 51.03 -19.28 0.70
CA ARG B 12 49.86 -18.50 1.05
C ARG B 12 49.37 -17.76 -0.17
N GLU B 13 48.05 -17.70 -0.30
CA GLU B 13 47.43 -17.04 -1.43
C GLU B 13 46.29 -16.18 -0.89
N LYS B 14 46.20 -14.94 -1.35
CA LYS B 14 45.17 -14.04 -0.90
C LYS B 14 44.76 -13.06 -1.99
N VAL B 15 43.56 -12.51 -1.85
CA VAL B 15 43.05 -11.57 -2.83
C VAL B 15 43.29 -10.15 -2.34
N ILE B 16 43.47 -9.21 -3.27
CA ILE B 16 43.68 -7.81 -2.96
C ILE B 16 42.94 -6.94 -3.95
N GLU B 32 44.50 -8.12 -7.96
CA GLU B 32 43.60 -9.19 -7.54
C GLU B 32 44.29 -10.25 -6.68
N MSE B 33 45.14 -11.06 -7.31
CA MSE B 33 45.84 -12.13 -6.60
C MSE B 33 47.28 -11.85 -6.19
O MSE B 33 48.03 -11.22 -6.92
CB MSE B 33 45.80 -13.40 -7.44
CG MSE B 33 44.41 -13.90 -7.75
SE MSE B 33 43.40 -14.38 -6.17
CE MSE B 33 43.63 -16.28 -6.24
N ARG B 34 47.65 -12.32 -5.00
CA ARG B 34 48.99 -12.18 -4.48
C ARG B 34 49.43 -13.49 -3.86
N TYR B 35 50.54 -14.04 -4.35
CA TYR B 35 51.06 -15.29 -3.85
C TYR B 35 52.35 -15.09 -3.08
N GLU B 36 52.55 -15.89 -2.04
CA GLU B 36 53.77 -15.81 -1.23
C GLU B 36 54.17 -17.21 -0.81
N ALA B 37 55.48 -17.42 -0.72
CA ALA B 37 56.04 -18.69 -0.28
C ALA B 37 57.14 -18.42 0.77
N SER B 38 57.14 -19.23 1.83
CA SER B 38 58.13 -19.08 2.88
C SER B 38 59.10 -20.24 2.89
N PHE B 39 60.38 -19.91 2.92
CA PHE B 39 61.43 -20.90 2.93
C PHE B 39 62.08 -20.90 4.30
N ARG B 40 62.26 -22.08 4.87
CA ARG B 40 62.85 -22.20 6.19
C ARG B 40 64.20 -22.89 6.14
N PRO B 41 65.19 -22.42 6.92
CA PRO B 41 66.51 -23.05 6.93
C PRO B 41 66.37 -24.45 7.51
N GLU B 42 66.93 -25.45 6.81
CA GLU B 42 66.86 -26.81 7.31
C GLU B 42 67.81 -26.94 8.50
N ASN B 43 68.30 -25.80 8.97
CA ASN B 43 69.20 -25.77 10.09
C ASN B 43 68.66 -24.88 11.20
N GLY B 44 67.36 -24.98 11.45
CA GLY B 44 66.76 -24.17 12.49
C GLY B 44 65.54 -23.40 12.04
N GLY B 45 65.41 -22.17 12.55
CA GLY B 45 64.27 -21.34 12.20
C GLY B 45 64.65 -20.06 11.51
N LEU B 46 63.68 -19.18 11.31
CA LEU B 46 63.93 -17.92 10.63
C LEU B 46 63.58 -18.04 9.16
N GLU B 47 62.31 -18.36 8.88
CA GLU B 47 61.86 -18.49 7.51
C GLU B 47 61.86 -17.17 6.75
N VAL B 48 62.09 -17.25 5.45
CA VAL B 48 62.13 -16.05 4.63
C VAL B 48 60.91 -16.06 3.71
N VAL B 49 60.28 -14.89 3.58
CA VAL B 49 59.09 -14.78 2.75
C VAL B 49 59.37 -14.11 1.41
N PHE B 50 58.79 -14.65 0.35
CA PHE B 50 58.98 -14.15 -1.01
C PHE B 50 57.66 -14.04 -1.77
N ARG B 51 57.52 -12.97 -2.54
CA ARG B 51 56.32 -12.82 -3.35
C ARG B 51 56.64 -13.52 -4.66
N LEU B 52 55.68 -14.25 -5.23
CA LEU B 52 55.89 -14.96 -6.49
C LEU B 52 54.66 -14.76 -7.36
N ASP B 53 54.75 -15.11 -8.64
CA ASP B 53 53.56 -15.02 -9.44
C ASP B 53 52.96 -16.42 -9.44
N ALA B 54 51.76 -16.55 -10.00
CA ALA B 54 51.08 -17.82 -9.99
C ALA B 54 51.90 -19.00 -10.47
N PRO B 55 52.47 -18.93 -11.70
CA PRO B 55 53.26 -20.05 -12.21
C PRO B 55 54.34 -20.54 -11.27
N GLN B 56 55.18 -19.62 -10.80
CA GLN B 56 56.27 -19.96 -9.90
C GLN B 56 55.73 -20.62 -8.65
N TYR B 57 54.69 -20.02 -8.11
CA TYR B 57 54.05 -20.48 -6.89
C TYR B 57 53.50 -21.90 -7.02
N HIS B 58 52.76 -22.16 -8.10
CA HIS B 58 52.18 -23.48 -8.31
C HIS B 58 53.28 -24.53 -8.55
N ALA B 59 54.45 -24.08 -8.98
CA ALA B 59 55.55 -25.01 -9.22
C ALA B 59 56.16 -25.46 -7.90
N LEU B 60 55.90 -24.70 -6.85
CA LEU B 60 56.42 -25.02 -5.51
C LEU B 60 55.53 -25.98 -4.74
N SER B 61 56.15 -26.81 -3.92
CA SER B 61 55.46 -27.77 -3.08
C SER B 61 55.89 -27.58 -1.63
N VAL B 62 54.95 -27.27 -0.76
CA VAL B 62 55.27 -27.11 0.65
C VAL B 62 55.81 -28.44 1.13
N GLY B 63 56.91 -28.39 1.87
CA GLY B 63 57.48 -29.63 2.36
C GLY B 63 58.75 -30.01 1.65
N ASP B 64 58.91 -29.63 0.39
CA ASP B 64 60.12 -29.97 -0.35
C ASP B 64 61.37 -29.33 0.21
N ARG B 65 62.46 -30.08 0.15
CA ARG B 65 63.75 -29.61 0.65
C ARG B 65 64.60 -29.38 -0.59
N GLY B 66 65.36 -28.29 -0.60
CA GLY B 66 66.19 -28.02 -1.76
C GLY B 66 66.98 -26.74 -1.69
N MSE B 67 67.48 -26.30 -2.85
CA MSE B 67 68.28 -25.09 -2.91
C MSE B 67 67.52 -23.84 -3.33
O MSE B 67 66.97 -23.77 -4.44
CB MSE B 67 69.45 -25.30 -3.87
CG MSE B 67 70.55 -24.23 -3.77
SE MSE B 67 71.58 -24.39 -2.13
CE MSE B 67 71.91 -26.29 -2.15
N LEU B 68 67.50 -22.85 -2.45
CA LEU B 68 66.85 -21.59 -2.75
C LEU B 68 67.89 -20.61 -3.27
N SER B 69 67.54 -19.88 -4.32
CA SER B 69 68.43 -18.87 -4.89
C SER B 69 67.69 -17.54 -4.85
N TYR B 70 68.35 -16.50 -4.37
CA TYR B 70 67.71 -15.19 -4.25
C TYR B 70 68.66 -14.00 -4.22
N LYS B 71 68.09 -12.81 -4.40
CA LYS B 71 68.86 -11.57 -4.36
C LYS B 71 68.03 -10.56 -3.59
N GLY B 72 68.38 -10.36 -2.32
CA GLY B 72 67.61 -9.45 -1.50
C GLY B 72 66.29 -10.14 -1.27
N THR B 73 65.20 -9.40 -1.36
CA THR B 73 63.89 -9.99 -1.18
C THR B 73 63.37 -10.55 -2.50
N ALA B 74 64.23 -10.62 -3.51
CA ALA B 74 63.80 -11.12 -4.81
C ALA B 74 64.09 -12.61 -4.99
N PHE B 75 63.04 -13.36 -5.27
CA PHE B 75 63.17 -14.80 -5.47
C PHE B 75 63.75 -15.06 -6.85
N VAL B 76 64.80 -15.85 -6.91
CA VAL B 76 65.41 -16.18 -8.18
C VAL B 76 65.10 -17.61 -8.59
N ALA B 77 65.12 -18.54 -7.63
CA ALA B 77 64.83 -19.93 -7.95
C ALA B 77 64.81 -20.81 -6.70
N PHE B 78 64.23 -21.99 -6.86
CA PHE B 78 64.21 -22.99 -5.82
C PHE B 78 64.34 -24.32 -6.54
N THR B 79 65.47 -24.99 -6.31
CA THR B 79 65.74 -26.27 -6.94
C THR B 79 65.56 -27.36 -5.91
N PRO B 80 64.48 -28.14 -6.01
CA PRO B 80 64.28 -29.20 -5.03
C PRO B 80 65.39 -30.25 -5.10
N ASP B 81 65.65 -30.91 -3.97
CA ASP B 81 66.69 -31.92 -3.93
C ASP B 81 66.43 -33.00 -4.96
N PRO B 82 67.39 -33.22 -5.87
CA PRO B 82 67.23 -34.24 -6.91
C PRO B 82 67.08 -35.60 -6.24
N LEU C 1 14.36 5.50 17.53
CA LEU C 1 13.20 4.59 17.30
C LEU C 1 13.42 3.17 17.85
N LEU C 2 13.49 3.05 19.17
CA LEU C 2 13.71 1.75 19.81
C LEU C 2 12.42 1.25 20.48
N GLN C 3 12.32 -0.06 20.66
CA GLN C 3 11.14 -0.67 21.30
C GLN C 3 11.49 -1.74 22.32
N LYS C 4 10.67 -1.82 23.37
CA LYS C 4 10.86 -2.80 24.43
C LYS C 4 9.51 -3.34 24.90
N ARG C 5 9.44 -4.65 25.10
CA ARG C 5 8.23 -5.28 25.58
C ARG C 5 8.22 -5.07 27.09
N VAL C 6 7.34 -4.20 27.56
CA VAL C 6 7.26 -3.89 28.98
C VAL C 6 5.87 -3.98 29.62
N ILE C 7 5.85 -3.67 30.91
CA ILE C 7 4.64 -3.64 31.71
C ILE C 7 4.69 -2.26 32.35
N VAL C 8 3.55 -1.58 32.42
CA VAL C 8 3.53 -0.26 33.02
C VAL C 8 3.54 -0.42 34.53
N SER C 9 4.69 -0.10 35.13
CA SER C 9 4.91 -0.21 36.57
C SER C 9 4.08 0.75 37.40
N ASN C 10 4.13 2.03 37.04
CA ASN C 10 3.36 3.02 37.76
C ASN C 10 3.25 4.36 37.06
N LYS C 11 2.38 5.20 37.59
CA LYS C 11 2.14 6.53 37.06
C LYS C 11 2.13 7.48 38.25
N ARG C 12 2.52 8.72 38.00
CA ARG C 12 2.56 9.74 39.04
C ARG C 12 2.24 11.09 38.42
N GLU C 13 1.34 11.83 39.08
CA GLU C 13 0.93 13.15 38.65
C GLU C 13 1.13 14.07 39.84
N LYS C 14 2.01 15.06 39.70
CA LYS C 14 2.28 15.98 40.80
C LYS C 14 2.14 17.43 40.36
N VAL C 15 1.86 18.29 41.33
CA VAL C 15 1.72 19.70 41.05
C VAL C 15 3.06 20.37 41.41
N ILE C 16 3.33 21.53 40.82
CA ILE C 16 4.56 22.25 41.10
C ILE C 16 4.33 23.26 42.23
N GLU C 32 1.69 23.62 35.33
CA GLU C 32 1.61 23.34 36.76
C GLU C 32 1.64 21.86 37.08
N MSE C 33 1.21 21.05 36.12
CA MSE C 33 1.16 19.61 36.29
C MSE C 33 2.32 18.89 35.62
O MSE C 33 2.67 19.19 34.48
CB MSE C 33 -0.16 19.08 35.76
CG MSE C 33 -1.36 19.69 36.44
SE MSE C 33 -1.36 19.28 38.33
CE MSE C 33 -2.30 17.59 38.23
N ARG C 34 2.89 17.93 36.33
CA ARG C 34 4.01 17.15 35.79
C ARG C 34 3.60 15.68 35.82
N TYR C 35 3.77 14.99 34.70
CA TYR C 35 3.39 13.58 34.58
C TYR C 35 4.57 12.63 34.35
N GLU C 36 4.47 11.44 34.93
CA GLU C 36 5.53 10.42 34.77
C GLU C 36 4.95 9.00 34.79
N ALA C 37 5.68 8.07 34.19
CA ALA C 37 5.25 6.68 34.14
C ALA C 37 6.48 5.79 34.07
N SER C 38 6.46 4.70 34.81
CA SER C 38 7.60 3.79 34.83
C SER C 38 7.25 2.49 34.15
N PHE C 39 8.08 2.12 33.18
CA PHE C 39 7.89 0.89 32.43
C PHE C 39 8.97 -0.10 32.80
N ARG C 40 8.59 -1.35 32.97
CA ARG C 40 9.54 -2.39 33.33
C ARG C 40 9.59 -3.47 32.26
N PRO C 41 10.78 -3.69 31.69
CA PRO C 41 11.01 -4.70 30.65
C PRO C 41 10.56 -6.10 31.05
N GLU C 42 9.69 -6.69 30.24
CA GLU C 42 9.18 -8.03 30.50
C GLU C 42 10.24 -9.00 30.99
N ASN C 43 11.38 -9.01 30.32
CA ASN C 43 12.47 -9.90 30.70
C ASN C 43 13.78 -9.15 30.94
N GLY C 44 13.83 -8.39 32.03
CA GLY C 44 15.02 -7.64 32.35
C GLY C 44 14.85 -6.62 33.47
N GLY C 45 15.95 -6.01 33.89
CA GLY C 45 15.88 -5.02 34.95
C GLY C 45 15.93 -3.61 34.38
N LEU C 46 16.33 -2.66 35.20
CA LEU C 46 16.42 -1.27 34.76
C LEU C 46 15.09 -0.65 34.38
N GLU C 47 14.30 -0.29 35.38
CA GLU C 47 13.01 0.32 35.12
C GLU C 47 13.24 1.66 34.41
N VAL C 48 12.48 1.94 33.37
CA VAL C 48 12.63 3.19 32.64
C VAL C 48 11.49 4.16 32.91
N VAL C 49 11.85 5.38 33.29
CA VAL C 49 10.88 6.40 33.60
C VAL C 49 10.92 7.51 32.56
N PHE C 50 9.76 8.09 32.26
CA PHE C 50 9.68 9.15 31.27
C PHE C 50 8.77 10.25 31.77
N ARG C 51 8.97 11.46 31.24
CA ARG C 51 8.10 12.57 31.58
C ARG C 51 7.08 12.47 30.46
N LEU C 52 5.86 12.94 30.69
CA LEU C 52 4.82 12.85 29.68
C LEU C 52 3.89 14.04 29.80
N ASP C 53 3.08 14.25 28.78
CA ASP C 53 2.11 15.32 28.84
C ASP C 53 0.87 14.63 29.40
N ALA C 54 -0.17 15.40 29.69
CA ALA C 54 -1.40 14.86 30.25
C ALA C 54 -2.10 13.80 29.36
N PRO C 55 -2.26 14.09 28.07
CA PRO C 55 -2.92 13.11 27.20
C PRO C 55 -2.30 11.71 27.28
N GLN C 56 -0.98 11.64 27.04
CA GLN C 56 -0.26 10.38 27.07
C GLN C 56 -0.37 9.70 28.42
N TYR C 57 -0.31 10.49 29.48
CA TYR C 57 -0.41 9.98 30.84
C TYR C 57 -1.76 9.33 31.05
N HIS C 58 -2.83 10.00 30.64
CA HIS C 58 -4.15 9.42 30.81
C HIS C 58 -4.38 8.22 29.90
N ALA C 59 -3.67 8.13 28.77
CA ALA C 59 -3.87 6.97 27.90
C ALA C 59 -3.31 5.72 28.56
N LEU C 60 -2.17 5.88 29.26
CA LEU C 60 -1.56 4.76 29.95
C LEU C 60 -2.52 4.14 30.97
N SER C 61 -2.38 2.83 31.15
CA SER C 61 -3.20 2.07 32.10
C SER C 61 -2.25 1.15 32.83
N VAL C 62 -2.03 1.42 34.12
CA VAL C 62 -1.11 0.65 34.94
C VAL C 62 -1.36 -0.85 34.97
N GLY C 63 -0.29 -1.61 34.77
CA GLY C 63 -0.39 -3.05 34.78
C GLY C 63 -0.43 -3.66 33.40
N ASP C 64 -0.70 -2.85 32.39
CA ASP C 64 -0.77 -3.34 31.02
C ASP C 64 0.56 -3.86 30.55
N ARG C 65 0.54 -4.95 29.77
CA ARG C 65 1.76 -5.46 29.18
C ARG C 65 1.65 -4.90 27.78
N GLY C 66 2.78 -4.57 27.16
CA GLY C 66 2.69 -4.02 25.81
C GLY C 66 4.02 -3.61 25.25
N MSE C 67 3.99 -2.74 24.25
CA MSE C 67 5.22 -2.30 23.62
C MSE C 67 5.49 -0.83 23.85
O MSE C 67 4.66 0.02 23.52
CB MSE C 67 5.14 -2.56 22.11
CG MSE C 67 6.48 -2.49 21.39
SE MSE C 67 7.61 -4.03 21.77
CE MSE C 67 6.50 -5.41 21.00
N LEU C 68 6.65 -0.54 24.41
CA LEU C 68 7.08 0.83 24.67
C LEU C 68 7.92 1.30 23.47
N SER C 69 7.68 2.53 23.01
CA SER C 69 8.42 3.10 21.90
C SER C 69 9.02 4.43 22.34
N TYR C 70 10.33 4.58 22.21
CA TYR C 70 11.04 5.79 22.64
C TYR C 70 12.30 6.14 21.85
N LYS C 71 12.70 7.41 21.96
CA LYS C 71 13.91 7.95 21.35
C LYS C 71 14.74 8.50 22.51
N GLY C 72 15.54 7.64 23.12
CA GLY C 72 16.35 8.07 24.25
C GLY C 72 15.51 8.29 25.49
N THR C 73 15.41 9.54 25.93
CA THR C 73 14.63 9.89 27.11
C THR C 73 13.25 10.38 26.67
N ALA C 74 13.07 10.49 25.36
CA ALA C 74 11.80 10.94 24.83
C ALA C 74 10.84 9.78 24.63
N PHE C 75 9.65 9.92 25.21
CA PHE C 75 8.63 8.90 25.08
C PHE C 75 7.92 9.13 23.76
N VAL C 76 7.72 8.04 23.01
CA VAL C 76 7.02 8.17 21.74
C VAL C 76 5.62 7.63 21.89
N ALA C 77 5.51 6.37 22.32
CA ALA C 77 4.21 5.75 22.48
C ALA C 77 4.24 4.44 23.23
N PHE C 78 3.09 4.06 23.77
CA PHE C 78 2.97 2.78 24.46
C PHE C 78 1.75 2.09 23.88
N THR C 79 1.95 0.91 23.32
CA THR C 79 0.86 0.16 22.72
C THR C 79 0.52 -1.08 23.51
N PRO C 80 -0.62 -1.05 24.20
CA PRO C 80 -1.09 -2.17 25.02
C PRO C 80 -1.28 -3.43 24.17
N ASP C 81 -0.96 -4.60 24.72
CA ASP C 81 -1.17 -5.83 23.97
C ASP C 81 -2.66 -6.15 23.97
N PRO C 82 -3.16 -6.78 22.90
CA PRO C 82 -4.58 -7.13 22.84
C PRO C 82 -4.86 -8.31 23.78
N LEU D 1 -14.10 22.06 20.12
CA LEU D 1 -14.00 20.91 19.18
C LEU D 1 -15.33 20.64 18.50
N LEU D 2 -15.45 21.08 17.25
CA LEU D 2 -16.66 20.89 16.46
C LEU D 2 -16.67 19.52 15.79
N GLN D 3 -17.86 18.98 15.58
CA GLN D 3 -18.00 17.69 14.93
C GLN D 3 -19.26 17.71 14.09
N LYS D 4 -19.31 16.88 13.05
CA LYS D 4 -20.48 16.81 12.20
C LYS D 4 -20.37 15.72 11.15
N ARG D 5 -21.48 15.07 10.85
CA ARG D 5 -21.53 14.01 9.85
C ARG D 5 -21.23 14.65 8.49
N VAL D 6 -20.40 14.01 7.69
CA VAL D 6 -20.06 14.55 6.38
C VAL D 6 -19.72 13.43 5.40
N ILE D 7 -19.32 13.86 4.22
CA ILE D 7 -18.87 12.99 3.15
C ILE D 7 -17.64 13.71 2.59
N VAL D 8 -16.60 12.96 2.26
CA VAL D 8 -15.42 13.58 1.68
C VAL D 8 -15.87 13.84 0.24
N SER D 9 -16.17 15.10 -0.04
CA SER D 9 -16.64 15.48 -1.36
C SER D 9 -15.52 15.92 -2.29
N ASN D 10 -14.40 16.34 -1.73
CA ASN D 10 -13.33 16.81 -2.58
C ASN D 10 -11.94 16.74 -1.97
N LYS D 11 -10.96 16.48 -2.85
CA LYS D 11 -9.54 16.40 -2.49
C LYS D 11 -8.73 17.05 -3.61
N ARG D 12 -7.78 17.91 -3.25
CA ARG D 12 -6.94 18.53 -4.26
C ARG D 12 -5.49 18.56 -3.80
N GLU D 13 -4.58 18.26 -4.73
CA GLU D 13 -3.15 18.23 -4.49
C GLU D 13 -2.46 19.05 -5.57
N LYS D 14 -1.69 20.07 -5.16
CA LYS D 14 -0.98 20.91 -6.13
C LYS D 14 0.43 21.24 -5.67
N VAL D 15 1.29 21.57 -6.63
CA VAL D 15 2.66 21.92 -6.35
C VAL D 15 2.78 23.37 -5.89
N ILE D 16 3.45 23.58 -4.76
CA ILE D 16 3.66 24.92 -4.20
C ILE D 16 4.09 25.91 -5.27
N GLU D 32 6.77 21.94 -0.42
CA GLU D 32 6.69 21.80 -1.87
C GLU D 32 5.29 21.42 -2.33
N MSE D 33 4.64 20.55 -1.56
CA MSE D 33 3.28 20.10 -1.86
C MSE D 33 2.26 20.84 -1.02
O MSE D 33 2.55 21.33 0.05
CB MSE D 33 3.16 18.60 -1.63
CG MSE D 33 3.99 17.78 -2.59
SE MSE D 33 3.45 18.15 -4.40
CE MSE D 33 2.46 16.52 -4.75
N ARG D 34 1.03 20.89 -1.54
CA ARG D 34 -0.07 21.57 -0.86
C ARG D 34 -1.27 20.63 -0.95
N TYR D 35 -1.84 20.25 0.19
CA TYR D 35 -3.00 19.36 0.18
C TYR D 35 -4.23 20.01 0.81
N GLU D 36 -5.40 19.68 0.25
CA GLU D 36 -6.67 20.21 0.74
C GLU D 36 -7.77 19.17 0.56
N ALA D 37 -8.73 19.18 1.48
CA ALA D 37 -9.86 18.27 1.42
C ALA D 37 -11.11 19.04 1.81
N SER D 38 -12.23 18.68 1.20
CA SER D 38 -13.51 19.32 1.45
C SER D 38 -14.52 18.32 1.95
N PHE D 39 -15.35 18.75 2.89
CA PHE D 39 -16.36 17.87 3.46
C PHE D 39 -17.75 18.50 3.34
N ARG D 40 -18.70 17.70 2.85
CA ARG D 40 -20.08 18.19 2.68
C ARG D 40 -20.97 17.70 3.81
N PRO D 41 -21.52 18.63 4.61
CA PRO D 41 -22.39 18.32 5.74
C PRO D 41 -23.60 17.47 5.34
N GLU D 42 -23.78 16.34 6.02
CA GLU D 42 -24.89 15.43 5.76
C GLU D 42 -26.28 16.01 6.02
N ASN D 43 -26.40 16.93 6.96
CA ASN D 43 -27.70 17.54 7.23
C ASN D 43 -27.53 19.03 7.50
N GLY D 44 -26.63 19.65 6.75
CA GLY D 44 -26.38 21.07 6.90
C GLY D 44 -26.10 21.71 5.55
N GLY D 45 -25.02 22.45 5.46
CA GLY D 45 -24.70 23.09 4.19
C GLY D 45 -23.41 23.89 4.22
N LEU D 46 -22.81 24.01 3.05
CA LEU D 46 -21.57 24.76 2.94
C LEU D 46 -20.44 23.81 3.29
N GLU D 47 -19.73 23.35 2.26
CA GLU D 47 -18.61 22.45 2.45
C GLU D 47 -17.57 23.10 3.38
N VAL D 48 -16.83 22.27 4.09
CA VAL D 48 -15.81 22.78 4.98
C VAL D 48 -14.47 22.35 4.39
N VAL D 49 -13.68 23.33 3.97
CA VAL D 49 -12.38 23.05 3.33
C VAL D 49 -11.21 23.27 4.29
N PHE D 50 -10.32 22.28 4.38
CA PHE D 50 -9.14 22.31 5.25
C PHE D 50 -7.85 22.11 4.47
N ARG D 51 -6.74 22.49 5.10
CA ARG D 51 -5.42 22.26 4.52
C ARG D 51 -4.97 21.05 5.33
N LEU D 52 -4.53 19.98 4.65
CA LEU D 52 -4.11 18.77 5.36
C LEU D 52 -2.62 18.48 5.14
N ASP D 53 -2.12 17.47 5.84
CA ASP D 53 -0.73 17.06 5.66
C ASP D 53 -0.81 15.87 4.69
N ALA D 54 0.33 15.44 4.17
CA ALA D 54 0.32 14.31 3.24
C ALA D 54 -0.44 13.11 3.80
N PRO D 55 -0.06 12.64 5.00
CA PRO D 55 -0.73 11.50 5.63
C PRO D 55 -2.25 11.63 5.73
N GLN D 56 -2.72 12.73 6.32
CA GLN D 56 -4.15 12.96 6.46
C GLN D 56 -4.81 12.90 5.08
N TYR D 57 -4.20 13.58 4.11
CA TYR D 57 -4.73 13.62 2.75
C TYR D 57 -4.77 12.26 2.07
N HIS D 58 -3.71 11.48 2.23
CA HIS D 58 -3.66 10.16 1.60
C HIS D 58 -4.64 9.17 2.22
N ALA D 59 -4.89 9.32 3.52
CA ALA D 59 -5.81 8.45 4.24
C ALA D 59 -7.27 8.63 3.79
N LEU D 60 -7.60 9.83 3.31
CA LEU D 60 -8.97 10.11 2.89
C LEU D 60 -9.38 9.55 1.55
N SER D 61 -10.61 9.07 1.47
CA SER D 61 -11.17 8.55 0.25
C SER D 61 -12.39 9.39 -0.05
N VAL D 62 -12.40 10.06 -1.21
CA VAL D 62 -13.52 10.89 -1.60
C VAL D 62 -14.77 10.03 -1.71
N GLY D 63 -15.87 10.50 -1.12
CA GLY D 63 -17.12 9.75 -1.15
C GLY D 63 -17.42 9.02 0.15
N ASP D 64 -16.45 9.02 1.07
CA ASP D 64 -16.65 8.36 2.35
C ASP D 64 -17.53 9.23 3.25
N ARG D 65 -18.38 8.59 4.03
CA ARG D 65 -19.26 9.28 4.96
C ARG D 65 -18.68 9.03 6.33
N GLY D 66 -18.73 10.02 7.22
CA GLY D 66 -18.18 9.83 8.55
C GLY D 66 -18.27 11.05 9.46
N MSE D 67 -17.54 11.01 10.57
CA MSE D 67 -17.53 12.13 11.51
C MSE D 67 -16.29 13.01 11.34
O MSE D 67 -15.16 12.55 11.43
CB MSE D 67 -17.58 11.60 12.95
CG MSE D 67 -17.90 12.66 13.99
SE MSE D 67 -19.69 13.39 13.84
CE MSE D 67 -20.70 11.87 14.52
N LEU D 68 -16.52 14.29 11.04
CA LEU D 68 -15.45 15.25 10.85
C LEU D 68 -15.24 16.00 12.17
N SER D 69 -13.99 16.07 12.61
CA SER D 69 -13.69 16.76 13.85
C SER D 69 -12.63 17.84 13.59
N TYR D 70 -12.90 19.04 14.10
CA TYR D 70 -11.96 20.15 13.91
C TYR D 70 -12.09 21.23 14.97
N LYS D 71 -11.10 22.12 14.98
CA LYS D 71 -11.06 23.23 15.92
C LYS D 71 -10.61 24.48 15.14
N GLY D 72 -11.44 25.52 15.17
CA GLY D 72 -11.09 26.74 14.45
C GLY D 72 -10.74 26.36 13.03
N THR D 73 -9.51 26.68 12.61
CA THR D 73 -9.06 26.34 11.26
C THR D 73 -8.16 25.12 11.31
N ALA D 74 -8.25 24.34 12.38
CA ALA D 74 -7.41 23.16 12.52
C ALA D 74 -8.18 21.86 12.31
N PHE D 75 -7.79 21.11 11.30
CA PHE D 75 -8.42 19.83 11.04
C PHE D 75 -7.93 18.95 12.19
N VAL D 76 -8.82 18.15 12.75
CA VAL D 76 -8.46 17.27 13.85
C VAL D 76 -8.50 15.81 13.44
N ALA D 77 -9.57 15.40 12.77
CA ALA D 77 -9.68 14.01 12.35
C ALA D 77 -10.93 13.73 11.56
N PHE D 78 -10.87 12.67 10.76
CA PHE D 78 -12.02 12.23 10.00
C PHE D 78 -12.15 10.76 10.33
N THR D 79 -13.28 10.40 10.91
CA THR D 79 -13.57 9.05 11.30
C THR D 79 -14.61 8.44 10.38
N PRO D 80 -14.15 7.63 9.42
CA PRO D 80 -15.00 6.96 8.44
C PRO D 80 -16.01 6.04 9.07
N ASP D 81 -17.19 5.99 8.49
CA ASP D 81 -18.26 5.13 8.98
C ASP D 81 -17.87 3.68 8.71
N PRO D 82 -18.54 2.74 9.39
CA PRO D 82 -18.27 1.32 9.22
C PRO D 82 -18.58 0.88 7.78
N LEU E 1 24.60 -26.14 9.87
CA LEU E 1 23.82 -25.48 10.96
C LEU E 1 23.87 -23.97 10.80
N LEU E 2 25.00 -23.47 10.31
CA LEU E 2 25.16 -22.04 10.10
C LEU E 2 25.72 -21.80 8.71
N GLN E 3 25.08 -20.90 7.97
CA GLN E 3 25.52 -20.60 6.61
C GLN E 3 25.81 -19.12 6.49
N LYS E 4 26.63 -18.76 5.51
CA LYS E 4 27.00 -17.37 5.35
C LYS E 4 27.61 -17.11 3.99
N ARG E 5 27.11 -16.09 3.31
CA ARG E 5 27.58 -15.71 1.99
C ARG E 5 28.91 -15.01 2.19
N VAL E 6 29.98 -15.59 1.67
CA VAL E 6 31.30 -15.02 1.84
C VAL E 6 32.16 -15.06 0.60
N ILE E 7 33.38 -14.56 0.77
CA ILE E 7 34.37 -14.55 -0.29
C ILE E 7 35.61 -15.18 0.35
N VAL E 8 36.31 -16.03 -0.39
CA VAL E 8 37.51 -16.66 0.14
C VAL E 8 38.62 -15.61 0.11
N SER E 9 39.01 -15.12 1.28
CA SER E 9 40.02 -14.09 1.34
C SER E 9 41.45 -14.61 1.20
N ASN E 10 41.72 -15.78 1.76
CA ASN E 10 43.05 -16.35 1.61
C ASN E 10 43.15 -17.81 1.98
N LYS E 11 44.27 -18.41 1.59
CA LYS E 11 44.59 -19.80 1.84
C LYS E 11 46.04 -19.92 2.25
N ARG E 12 46.30 -20.70 3.29
CA ARG E 12 47.68 -20.92 3.72
C ARG E 12 47.87 -22.39 3.96
N GLU E 13 49.04 -22.87 3.57
CA GLU E 13 49.43 -24.24 3.73
C GLU E 13 50.81 -24.23 4.35
N LYS E 14 51.05 -25.11 5.33
CA LYS E 14 52.36 -25.16 5.96
C LYS E 14 52.74 -26.51 6.50
N VAL E 15 53.98 -26.59 6.95
CA VAL E 15 54.55 -27.80 7.51
C VAL E 15 54.94 -27.50 8.96
N ILE E 16 54.76 -28.48 9.83
CA ILE E 16 55.13 -28.34 11.23
C ILE E 16 55.60 -29.66 11.84
N GLU E 32 51.54 -34.20 8.93
CA GLU E 32 52.45 -33.11 9.27
C GLU E 32 52.04 -31.80 8.60
N MSE E 33 51.18 -31.88 7.59
CA MSE E 33 50.71 -30.69 6.86
C MSE E 33 49.51 -30.08 7.59
O MSE E 33 48.73 -30.79 8.20
CB MSE E 33 50.31 -31.06 5.44
CG MSE E 33 51.42 -31.67 4.60
SE MSE E 33 52.85 -30.41 4.24
CE MSE E 33 51.88 -29.17 3.10
N ARG E 34 49.37 -28.76 7.51
CA ARG E 34 48.25 -28.07 8.14
C ARG E 34 47.67 -27.09 7.13
N TYR E 35 46.33 -27.03 7.03
CA TYR E 35 45.67 -26.15 6.07
C TYR E 35 44.65 -25.16 6.64
N GLU E 36 44.72 -23.92 6.17
CA GLU E 36 43.82 -22.85 6.62
C GLU E 36 43.26 -22.04 5.45
N ALA E 37 42.10 -21.44 5.68
CA ALA E 37 41.43 -20.59 4.70
C ALA E 37 40.65 -19.56 5.51
N SER E 38 40.63 -18.32 5.01
CA SER E 38 39.92 -17.24 5.69
C SER E 38 38.74 -16.82 4.84
N PHE E 39 37.60 -16.61 5.49
CA PHE E 39 36.41 -16.24 4.76
C PHE E 39 35.92 -14.88 5.24
N ARG E 40 35.62 -14.01 4.27
CA ARG E 40 35.17 -12.65 4.53
C ARG E 40 33.73 -12.46 4.07
N PRO E 41 32.85 -12.07 4.99
CA PRO E 41 31.43 -11.86 4.66
C PRO E 41 31.25 -10.83 3.54
N GLU E 42 30.00 -10.52 3.22
CA GLU E 42 29.70 -9.55 2.19
C GLU E 42 30.31 -8.18 2.50
N LEU E 46 35.34 -8.36 10.42
CA LEU E 46 36.08 -9.53 10.86
C LEU E 46 35.77 -10.78 10.06
N GLU E 47 36.80 -11.34 9.43
CA GLU E 47 36.64 -12.55 8.63
C GLU E 47 36.99 -13.80 9.43
N VAL E 48 36.24 -14.87 9.21
CA VAL E 48 36.46 -16.13 9.92
C VAL E 48 37.60 -16.95 9.33
N VAL E 49 38.15 -17.87 10.15
CA VAL E 49 39.23 -18.73 9.71
C VAL E 49 39.03 -20.14 10.21
N PHE E 50 39.26 -21.12 9.33
CA PHE E 50 39.07 -22.53 9.68
C PHE E 50 40.23 -23.42 9.26
N ARG E 51 40.47 -24.46 10.06
CA ARG E 51 41.50 -25.44 9.74
C ARG E 51 40.81 -26.31 8.68
N LEU E 52 41.56 -26.87 7.76
CA LEU E 52 40.97 -27.70 6.70
C LEU E 52 41.86 -28.90 6.42
N ASP E 53 41.34 -29.89 5.71
CA ASP E 53 42.16 -31.02 5.35
C ASP E 53 42.57 -30.77 3.90
N ALA E 54 43.55 -31.53 3.40
CA ALA E 54 44.04 -31.33 2.05
C ALA E 54 42.96 -31.13 0.98
N PRO E 55 41.99 -32.08 0.89
CA PRO E 55 40.92 -31.98 -0.11
C PRO E 55 40.12 -30.67 -0.11
N GLN E 56 39.54 -30.31 1.02
CA GLN E 56 38.76 -29.09 1.12
C GLN E 56 39.59 -27.86 0.76
N TYR E 57 40.81 -27.83 1.29
CA TYR E 57 41.70 -26.72 1.01
C TYR E 57 41.99 -26.58 -0.48
N HIS E 58 42.26 -27.70 -1.15
CA HIS E 58 42.56 -27.66 -2.58
C HIS E 58 41.32 -27.33 -3.41
N ALA E 59 40.15 -27.73 -2.92
CA ALA E 59 38.92 -27.47 -3.66
C ALA E 59 38.66 -25.96 -3.66
N LEU E 60 39.03 -25.29 -2.58
CA LEU E 60 38.82 -23.85 -2.50
C LEU E 60 39.60 -23.08 -3.56
N SER E 61 39.02 -21.96 -3.98
CA SER E 61 39.60 -21.06 -4.97
C SER E 61 39.56 -19.65 -4.40
N VAL E 62 40.72 -19.15 -3.96
CA VAL E 62 40.82 -17.82 -3.39
C VAL E 62 40.23 -16.74 -4.29
N GLY E 63 39.34 -15.94 -3.73
CA GLY E 63 38.71 -14.88 -4.51
C GLY E 63 37.29 -15.22 -4.91
N ASP E 64 36.88 -16.46 -4.66
CA ASP E 64 35.52 -16.89 -5.00
C ASP E 64 34.48 -16.33 -4.07
N ARG E 65 33.29 -16.11 -4.61
CA ARG E 65 32.18 -15.64 -3.83
C ARG E 65 31.25 -16.85 -3.73
N GLY E 66 30.98 -17.30 -2.51
CA GLY E 66 30.11 -18.46 -2.35
C GLY E 66 29.44 -18.52 -0.99
N MSE E 67 28.90 -19.68 -0.67
CA MSE E 67 28.20 -19.86 0.60
C MSE E 67 29.01 -20.75 1.53
O MSE E 67 29.34 -21.88 1.18
CB MSE E 67 26.83 -20.51 0.35
CG MSE E 67 25.87 -20.45 1.54
SE MSE E 67 25.26 -18.64 1.94
CE MSE E 67 24.05 -18.40 0.45
N LEU E 68 29.33 -20.23 2.71
CA LEU E 68 30.10 -21.00 3.68
C LEU E 68 29.16 -21.73 4.63
N SER E 69 29.37 -23.04 4.79
CA SER E 69 28.56 -23.82 5.70
C SER E 69 29.46 -24.31 6.82
N TYR E 70 29.01 -24.15 8.05
CA TYR E 70 29.79 -24.58 9.21
C TYR E 70 28.95 -24.76 10.46
N LYS E 71 29.53 -25.51 11.40
CA LYS E 71 28.95 -25.80 12.70
C LYS E 71 29.95 -25.33 13.75
N GLY E 72 29.74 -24.11 14.26
CA GLY E 72 30.64 -23.58 15.26
C GLY E 72 31.98 -23.17 14.66
N THR E 73 33.06 -23.78 15.14
CA THR E 73 34.39 -23.45 14.63
C THR E 73 34.82 -24.51 13.62
N ALA E 74 33.95 -25.46 13.33
CA ALA E 74 34.29 -26.51 12.38
C ALA E 74 33.73 -26.28 10.97
N PHE E 75 34.63 -26.19 10.00
CA PHE E 75 34.26 -26.01 8.61
C PHE E 75 33.43 -27.20 8.16
N VAL E 76 32.44 -26.96 7.31
CA VAL E 76 31.57 -28.03 6.79
C VAL E 76 31.62 -28.07 5.26
N ALA E 77 31.53 -26.90 4.63
CA ALA E 77 31.57 -26.83 3.18
C ALA E 77 31.55 -25.41 2.63
N PHE E 78 32.16 -25.24 1.46
CA PHE E 78 32.15 -23.95 0.79
C PHE E 78 31.69 -24.21 -0.63
N THR E 79 30.56 -23.63 -0.99
CA THR E 79 30.03 -23.83 -2.33
C THR E 79 30.17 -22.53 -3.09
N PRO E 80 30.86 -22.55 -4.22
CA PRO E 80 30.99 -21.30 -4.96
C PRO E 80 29.76 -20.98 -5.76
N ASP E 81 29.45 -19.69 -5.86
CA ASP E 81 28.30 -19.24 -6.61
C ASP E 81 28.27 -19.85 -7.99
N PRO E 82 27.10 -20.34 -8.41
CA PRO E 82 26.97 -20.95 -9.74
C PRO E 82 27.16 -19.86 -10.80
N LEU F 1 -9.78 11.19 64.62
CA LEU F 1 -10.36 11.86 63.42
C LEU F 1 -10.03 13.34 63.32
N LEU F 2 -9.16 13.68 62.38
CA LEU F 2 -8.76 15.07 62.20
C LEU F 2 -9.13 15.62 60.82
N GLN F 3 -9.12 16.95 60.72
CA GLN F 3 -9.40 17.67 59.49
C GLN F 3 -8.30 18.74 59.34
N LYS F 4 -7.73 18.84 58.14
CA LYS F 4 -6.68 19.81 57.89
C LYS F 4 -6.79 20.28 56.45
N ARG F 5 -6.71 21.59 56.24
CA ARG F 5 -6.80 22.16 54.90
C ARG F 5 -5.51 21.85 54.14
N VAL F 6 -5.65 21.26 52.96
CA VAL F 6 -4.48 20.90 52.15
C VAL F 6 -4.72 20.98 50.65
N ILE F 7 -3.63 20.79 49.91
CA ILE F 7 -3.69 20.77 48.47
C ILE F 7 -3.27 19.36 48.09
N VAL F 8 -3.93 18.79 47.09
CA VAL F 8 -3.56 17.44 46.66
C VAL F 8 -2.22 17.57 45.96
N SER F 9 -1.16 17.22 46.68
CA SER F 9 0.22 17.30 46.17
C SER F 9 0.49 16.38 44.98
N ASN F 10 0.19 15.09 45.11
CA ASN F 10 0.42 14.18 44.01
C ASN F 10 -0.32 12.86 44.15
N LYS F 11 -0.47 12.16 43.02
CA LYS F 11 -1.15 10.86 42.97
C LYS F 11 -0.23 9.82 42.33
N ARG F 12 -0.22 8.61 42.88
CA ARG F 12 0.61 7.55 42.34
C ARG F 12 -0.20 6.26 42.26
N GLU F 13 -0.05 5.55 41.16
CA GLU F 13 -0.75 4.30 40.93
C GLU F 13 0.36 3.29 40.62
N LYS F 14 0.33 2.16 41.31
CA LYS F 14 1.35 1.13 41.16
C LYS F 14 0.69 -0.25 41.06
N VAL F 15 1.40 -1.22 40.50
CA VAL F 15 0.86 -2.56 40.37
C VAL F 15 1.71 -3.58 41.12
N ILE F 16 1.06 -4.57 41.73
CA ILE F 16 1.77 -5.61 42.46
C ILE F 16 1.07 -6.97 42.40
N GLU F 32 -4.46 -6.10 42.87
CA GLU F 32 -3.22 -6.08 42.10
C GLU F 32 -2.75 -4.64 41.87
N MSE F 33 -3.59 -3.68 42.25
CA MSE F 33 -3.28 -2.27 42.11
C MSE F 33 -3.21 -1.57 43.46
O MSE F 33 -3.96 -1.89 44.37
CB MSE F 33 -4.34 -1.60 41.24
CG MSE F 33 -4.52 -2.23 39.87
SE MSE F 33 -3.01 -1.91 38.70
CE MSE F 33 -3.63 -0.22 38.00
N ARG F 34 -2.30 -0.60 43.58
CA ARG F 34 -2.16 0.16 44.80
C ARG F 34 -2.22 1.65 44.50
N TYR F 35 -3.08 2.37 45.24
CA TYR F 35 -3.24 3.79 45.02
C TYR F 35 -2.73 4.62 46.18
N GLU F 36 -2.05 5.72 45.84
CA GLU F 36 -1.48 6.63 46.82
C GLU F 36 -1.72 8.07 46.42
N ALA F 37 -1.95 8.92 47.40
CA ALA F 37 -2.16 10.33 47.14
C ALA F 37 -1.38 11.09 48.21
N SER F 38 -0.87 12.27 47.87
CA SER F 38 -0.11 13.03 48.84
C SER F 38 -0.69 14.41 49.03
N PHE F 39 -0.86 14.80 50.29
CA PHE F 39 -1.43 16.11 50.60
C PHE F 39 -0.40 17.00 51.31
N ARG F 40 -0.35 18.25 50.88
CA ARG F 40 0.58 19.22 51.41
C ARG F 40 -0.18 20.28 52.19
N PRO F 41 0.22 20.55 53.45
CA PRO F 41 -0.48 21.57 54.22
C PRO F 41 -0.45 22.89 53.43
N GLU F 42 -1.51 23.68 53.55
CA GLU F 42 -1.58 24.95 52.84
C GLU F 42 -0.64 25.99 53.40
N ASN F 43 -0.88 26.39 54.64
CA ASN F 43 -0.06 27.41 55.30
C ASN F 43 1.44 27.15 55.10
N GLY F 44 1.80 25.90 54.83
CA GLY F 44 3.21 25.60 54.63
C GLY F 44 3.46 24.36 53.78
N GLY F 45 4.44 23.57 54.19
CA GLY F 45 4.79 22.36 53.46
C GLY F 45 4.88 21.13 54.36
N LEU F 46 5.41 20.04 53.83
CA LEU F 46 5.53 18.80 54.59
C LEU F 46 4.37 17.89 54.17
N GLU F 47 4.47 17.29 53.00
CA GLU F 47 3.40 16.43 52.49
C GLU F 47 3.26 15.03 53.08
N VAL F 48 2.00 14.68 53.37
CA VAL F 48 1.64 13.40 53.94
C VAL F 48 1.08 12.47 52.87
N VAL F 49 1.44 11.20 52.95
CA VAL F 49 1.00 10.21 51.99
C VAL F 49 0.00 9.24 52.61
N PHE F 50 -0.99 8.85 51.83
CA PHE F 50 -2.03 7.92 52.28
C PHE F 50 -2.34 6.90 51.17
N ARG F 51 -2.61 5.67 51.57
CA ARG F 51 -2.99 4.65 50.61
C ARG F 51 -4.49 4.84 50.43
N LEU F 52 -4.98 4.71 49.20
CA LEU F 52 -6.41 4.90 48.94
C LEU F 52 -6.96 3.75 48.12
N ASP F 53 -8.28 3.59 48.13
CA ASP F 53 -8.88 2.56 47.30
C ASP F 53 -9.06 3.25 45.94
N ALA F 54 -9.61 2.56 44.96
CA ALA F 54 -9.76 3.16 43.64
C ALA F 54 -10.75 4.33 43.58
N PRO F 55 -11.98 4.14 44.08
CA PRO F 55 -12.97 5.22 44.05
C PRO F 55 -12.42 6.54 44.57
N GLN F 56 -11.79 6.50 45.74
CA GLN F 56 -11.21 7.71 46.34
C GLN F 56 -10.15 8.31 45.42
N TYR F 57 -9.25 7.48 44.96
CA TYR F 57 -8.17 7.90 44.07
C TYR F 57 -8.65 8.58 42.79
N HIS F 58 -9.59 7.95 42.10
CA HIS F 58 -10.12 8.50 40.87
C HIS F 58 -10.89 9.78 41.10
N ALA F 59 -11.38 9.98 42.32
CA ALA F 59 -12.13 11.18 42.65
C ALA F 59 -11.21 12.39 42.89
N LEU F 60 -9.97 12.13 43.30
CA LEU F 60 -8.99 13.19 43.56
C LEU F 60 -8.42 13.82 42.30
N SER F 61 -8.12 15.12 42.38
CA SER F 61 -7.53 15.87 41.29
C SER F 61 -6.32 16.57 41.87
N VAL F 62 -5.13 16.20 41.44
CA VAL F 62 -3.91 16.83 41.92
C VAL F 62 -4.04 18.34 41.75
N GLY F 63 -3.58 19.11 42.73
CA GLY F 63 -3.66 20.54 42.62
C GLY F 63 -4.84 21.20 43.33
N ASP F 64 -5.83 20.41 43.71
CA ASP F 64 -6.99 20.95 44.39
C ASP F 64 -6.74 21.27 45.88
N ARG F 65 -7.33 22.37 46.33
CA ARG F 65 -7.25 22.79 47.73
C ARG F 65 -8.53 22.26 48.37
N GLY F 66 -8.46 21.85 49.62
CA GLY F 66 -9.65 21.34 50.26
C GLY F 66 -9.40 20.83 51.65
N MSE F 67 -10.33 20.03 52.15
CA MSE F 67 -10.23 19.48 53.50
C MSE F 67 -9.89 18.00 53.49
O MSE F 67 -10.57 17.20 52.85
CB MSE F 67 -11.54 19.70 54.24
CG MSE F 67 -11.48 19.42 55.73
SE MSE F 67 -10.48 20.78 56.69
CE MSE F 67 -11.84 22.16 56.74
N LEU F 68 -8.83 17.64 54.21
CA LEU F 68 -8.45 16.25 54.32
C LEU F 68 -8.97 15.76 55.68
N SER F 69 -9.46 14.53 55.72
CA SER F 69 -9.96 13.95 56.95
C SER F 69 -9.26 12.62 57.11
N TYR F 70 -8.55 12.47 58.22
CA TYR F 70 -7.83 11.24 58.48
C TYR F 70 -7.88 10.86 59.94
N LYS F 71 -7.39 9.65 60.22
CA LYS F 71 -7.29 9.09 61.58
C LYS F 71 -5.97 8.33 61.57
N GLY F 72 -4.97 8.90 62.24
CA GLY F 72 -3.65 8.29 62.29
C GLY F 72 -2.98 8.27 60.93
N THR F 73 -2.95 7.09 60.32
CA THR F 73 -2.35 6.95 59.00
C THR F 73 -3.43 6.57 58.03
N ALA F 74 -4.65 6.45 58.55
CA ALA F 74 -5.80 6.07 57.75
C ALA F 74 -6.53 7.25 57.14
N PHE F 75 -6.66 7.21 55.82
CA PHE F 75 -7.33 8.26 55.08
C PHE F 75 -8.85 8.02 55.22
N VAL F 76 -9.59 9.08 55.52
CA VAL F 76 -11.03 9.02 55.64
C VAL F 76 -11.70 9.64 54.41
N ALA F 77 -11.21 10.81 53.99
CA ALA F 77 -11.78 11.48 52.83
C ALA F 77 -11.12 12.81 52.49
N PHE F 78 -11.43 13.34 51.32
CA PHE F 78 -10.92 14.64 50.87
C PHE F 78 -12.07 15.42 50.22
N THR F 79 -12.33 16.60 50.73
CA THR F 79 -13.40 17.44 50.23
C THR F 79 -12.80 18.68 49.57
N PRO F 80 -12.72 18.68 48.24
CA PRO F 80 -12.15 19.83 47.53
C PRO F 80 -13.02 21.08 47.71
N ASP F 81 -12.42 22.26 47.54
CA ASP F 81 -13.15 23.50 47.68
C ASP F 81 -13.96 23.74 46.40
N PRO F 82 -15.17 24.31 46.55
CA PRO F 82 -16.00 24.56 45.36
C PRO F 82 -15.27 25.39 44.29
N LEU G 1 -2.51 16.25 -33.64
CA LEU G 1 -2.15 16.05 -32.20
C LEU G 1 -1.20 17.13 -31.68
N LEU G 2 -1.51 17.69 -30.51
CA LEU G 2 -0.66 18.72 -29.94
C LEU G 2 0.10 18.15 -28.75
N GLN G 3 1.38 18.51 -28.65
CA GLN G 3 2.22 18.03 -27.56
C GLN G 3 2.84 19.21 -26.84
N LYS G 4 3.18 19.03 -25.57
CA LYS G 4 3.76 20.11 -24.78
C LYS G 4 4.59 19.57 -23.62
N ARG G 5 5.78 20.16 -23.41
CA ARG G 5 6.65 19.76 -22.31
C ARG G 5 5.94 20.34 -21.07
N VAL G 6 5.64 19.50 -20.08
CA VAL G 6 4.91 19.99 -18.92
C VAL G 6 5.22 19.24 -17.64
N ILE G 7 4.71 19.79 -16.54
CA ILE G 7 4.85 19.20 -15.21
C ILE G 7 3.43 19.03 -14.68
N VAL G 8 3.15 17.93 -13.99
CA VAL G 8 1.81 17.74 -13.46
C VAL G 8 1.72 18.66 -12.25
N SER G 9 1.09 19.81 -12.45
CA SER G 9 0.96 20.83 -11.41
C SER G 9 -0.04 20.53 -10.28
N ASN G 10 -1.14 19.85 -10.60
CA ASN G 10 -2.09 19.50 -9.55
C ASN G 10 -3.19 18.51 -9.96
N LYS G 11 -3.71 17.80 -8.97
CA LYS G 11 -4.76 16.81 -9.16
C LYS G 11 -5.93 17.05 -8.23
N ARG G 12 -7.13 16.88 -8.76
CA ARG G 12 -8.36 17.07 -7.99
C ARG G 12 -9.28 15.88 -8.20
N GLU G 13 -9.89 15.43 -7.11
CA GLU G 13 -10.82 14.31 -7.12
C GLU G 13 -12.14 14.85 -6.56
N LYS G 14 -13.24 14.62 -7.25
CA LYS G 14 -14.52 15.17 -6.81
C LYS G 14 -15.67 14.18 -6.98
N VAL G 15 -16.73 14.39 -6.21
CA VAL G 15 -17.91 13.53 -6.32
C VAL G 15 -19.02 14.38 -6.93
N ILE G 16 -19.89 13.75 -7.73
CA ILE G 16 -20.99 14.46 -8.37
C ILE G 16 -22.33 13.79 -8.05
N GLU G 32 -19.55 8.28 -10.40
CA GLU G 32 -19.91 9.18 -9.31
C GLU G 32 -18.78 10.15 -9.02
N MSE G 33 -17.58 9.78 -9.47
CA MSE G 33 -16.40 10.62 -9.27
C MSE G 33 -16.08 11.40 -10.55
O MSE G 33 -16.59 11.08 -11.63
CB MSE G 33 -15.19 9.74 -8.90
CG MSE G 33 -15.43 8.79 -7.73
SE MSE G 33 -15.64 9.64 -6.00
CE MSE G 33 -13.81 9.54 -5.41
N ARG G 34 -15.26 12.43 -10.42
CA ARG G 34 -14.84 13.25 -11.54
C ARG G 34 -13.39 13.58 -11.25
N TYR G 35 -12.47 12.99 -12.00
CA TYR G 35 -11.05 13.23 -11.77
C TYR G 35 -10.49 14.25 -12.74
N GLU G 36 -9.67 15.17 -12.23
CA GLU G 36 -9.06 16.20 -13.06
C GLU G 36 -7.59 16.41 -12.75
N ALA G 37 -6.82 16.70 -13.79
CA ALA G 37 -5.41 16.95 -13.64
C ALA G 37 -5.04 18.21 -14.40
N SER G 38 -4.08 18.94 -13.86
CA SER G 38 -3.65 20.16 -14.50
C SER G 38 -2.15 20.12 -14.78
N PHE G 39 -1.80 20.41 -16.02
CA PHE G 39 -0.41 20.39 -16.43
C PHE G 39 0.06 21.81 -16.64
N ARG G 40 1.22 22.13 -16.08
CA ARG G 40 1.79 23.46 -16.19
C ARG G 40 2.95 23.42 -17.18
N PRO G 41 2.82 24.16 -18.29
CA PRO G 41 3.81 24.26 -19.36
C PRO G 41 5.19 24.68 -18.86
N GLU G 42 6.21 23.94 -19.26
CA GLU G 42 7.59 24.25 -18.87
C GLU G 42 7.98 25.54 -19.59
N ASN G 43 7.30 25.78 -20.70
CA ASN G 43 7.52 26.97 -21.49
C ASN G 43 7.21 28.22 -20.66
N GLY G 44 5.94 28.48 -20.42
CA GLY G 44 5.58 29.65 -19.63
C GLY G 44 4.09 29.88 -19.54
N GLY G 45 3.53 29.67 -18.36
CA GLY G 45 2.11 29.86 -18.16
C GLY G 45 1.24 29.03 -19.09
N LEU G 46 -0.06 29.11 -18.90
CA LEU G 46 -0.98 28.35 -19.72
C LEU G 46 -1.29 27.01 -19.09
N GLU G 47 -1.63 27.01 -17.80
CA GLU G 47 -1.96 25.78 -17.09
C GLU G 47 -3.27 25.24 -17.64
N VAL G 48 -3.21 24.08 -18.28
CA VAL G 48 -4.37 23.44 -18.88
C VAL G 48 -4.94 22.29 -18.04
N VAL G 49 -6.27 22.24 -17.94
CA VAL G 49 -6.94 21.21 -17.16
C VAL G 49 -7.68 20.17 -18.03
N PHE G 50 -7.70 18.93 -17.55
CA PHE G 50 -8.32 17.84 -18.28
C PHE G 50 -9.15 16.90 -17.41
N ARG G 51 -10.22 16.38 -18.00
CA ARG G 51 -11.09 15.41 -17.35
C ARG G 51 -10.38 14.07 -17.56
N LEU G 52 -10.34 13.24 -16.52
CA LEU G 52 -9.68 11.95 -16.64
C LEU G 52 -10.46 10.81 -15.98
N ASP G 53 -9.95 9.58 -16.08
CA ASP G 53 -10.59 8.44 -15.42
C ASP G 53 -9.66 7.94 -14.34
N ALA G 54 -10.21 7.29 -13.33
CA ALA G 54 -9.41 6.80 -12.22
C ALA G 54 -8.03 6.28 -12.64
N PRO G 55 -7.99 5.37 -13.63
CA PRO G 55 -6.70 4.84 -14.08
C PRO G 55 -5.72 5.94 -14.49
N GLN G 56 -6.13 6.78 -15.44
CA GLN G 56 -5.29 7.88 -15.90
C GLN G 56 -4.88 8.74 -14.70
N TYR G 57 -5.87 9.13 -13.89
CA TYR G 57 -5.65 9.95 -12.72
C TYR G 57 -4.64 9.36 -11.74
N HIS G 58 -4.90 8.15 -11.28
CA HIS G 58 -4.00 7.48 -10.31
C HIS G 58 -2.60 7.28 -10.89
N ALA G 59 -2.52 7.16 -12.21
CA ALA G 59 -1.24 6.96 -12.89
C ALA G 59 -0.37 8.21 -12.84
N LEU G 60 -1.00 9.36 -12.69
CA LEU G 60 -0.29 10.64 -12.63
C LEU G 60 0.29 10.97 -11.25
N SER G 61 1.29 11.84 -11.22
CA SER G 61 1.90 12.27 -9.97
C SER G 61 2.25 13.75 -10.09
N VAL G 62 1.79 14.56 -9.12
CA VAL G 62 2.07 15.98 -9.16
C VAL G 62 3.58 16.17 -9.03
N GLY G 63 4.14 16.92 -9.96
CA GLY G 63 5.57 17.16 -9.92
C GLY G 63 6.31 16.49 -11.06
N ASP G 64 5.71 15.45 -11.64
CA ASP G 64 6.35 14.76 -12.75
C ASP G 64 6.44 15.59 -14.03
N ARG G 65 7.64 15.74 -14.57
CA ARG G 65 7.82 16.45 -15.83
C ARG G 65 7.57 15.39 -16.89
N GLY G 66 7.19 15.82 -18.09
CA GLY G 66 6.94 14.86 -19.15
C GLY G 66 6.33 15.54 -20.34
N MSE G 67 5.86 14.73 -21.30
CA MSE G 67 5.24 15.27 -22.50
C MSE G 67 3.74 15.03 -22.43
O MSE G 67 3.28 13.90 -22.25
CB MSE G 67 5.81 14.59 -23.75
CG MSE G 67 5.43 15.26 -25.06
SE MSE G 67 6.29 17.00 -25.35
CE MSE G 67 7.85 16.40 -26.40
N LEU G 68 2.99 16.11 -22.56
CA LEU G 68 1.54 16.05 -22.57
C LEU G 68 1.10 15.95 -24.01
N SER G 69 0.23 15.00 -24.30
CA SER G 69 -0.26 14.82 -25.64
C SER G 69 -1.78 14.88 -25.60
N TYR G 70 -2.36 15.73 -26.44
CA TYR G 70 -3.81 15.88 -26.48
C TYR G 70 -4.30 16.26 -27.88
N LYS G 71 -5.60 16.07 -28.10
CA LYS G 71 -6.22 16.40 -29.38
C LYS G 71 -7.52 17.14 -29.08
N GLY G 72 -7.63 18.36 -29.59
CA GLY G 72 -8.82 19.15 -29.34
C GLY G 72 -8.89 19.49 -27.86
N THR G 73 -9.87 18.92 -27.17
CA THR G 73 -10.03 19.16 -25.73
C THR G 73 -9.81 17.82 -25.05
N ALA G 74 -9.48 16.81 -25.85
CA ALA G 74 -9.26 15.46 -25.37
C ALA G 74 -7.82 15.13 -25.00
N PHE G 75 -7.63 14.58 -23.81
CA PHE G 75 -6.32 14.19 -23.33
C PHE G 75 -5.96 12.86 -24.00
N VAL G 76 -4.75 12.77 -24.54
CA VAL G 76 -4.32 11.54 -25.18
C VAL G 76 -3.37 10.73 -24.30
N ALA G 77 -2.41 11.40 -23.68
CA ALA G 77 -1.46 10.72 -22.81
C ALA G 77 -0.45 11.67 -22.17
N PHE G 78 0.16 11.20 -21.09
CA PHE G 78 1.18 11.97 -20.41
C PHE G 78 2.38 11.05 -20.30
N THR G 79 3.46 11.37 -21.01
CA THR G 79 4.64 10.52 -20.98
C THR G 79 5.69 11.09 -20.04
N PRO G 80 5.75 10.56 -18.82
CA PRO G 80 6.72 11.04 -17.84
C PRO G 80 8.16 10.82 -18.26
N ASP G 81 9.04 11.71 -17.84
CA ASP G 81 10.45 11.60 -18.17
C ASP G 81 11.08 10.45 -17.41
N PRO G 82 12.23 9.96 -17.88
CA PRO G 82 12.97 8.85 -17.28
C PRO G 82 13.35 9.11 -15.81
N LEU H 1 -53.02 0.60 36.78
CA LEU H 1 -52.42 0.58 35.41
C LEU H 1 -52.84 1.83 34.66
N LEU H 2 -51.89 2.77 34.54
CA LEU H 2 -52.16 4.02 33.84
C LEU H 2 -51.50 4.06 32.48
N GLN H 3 -52.05 4.88 31.60
CA GLN H 3 -51.54 5.02 30.25
C GLN H 3 -51.46 6.51 29.90
N LYS H 4 -50.31 6.95 29.43
CA LYS H 4 -50.08 8.35 29.07
C LYS H 4 -49.44 8.50 27.70
N ARG H 5 -49.88 9.48 26.93
CA ARG H 5 -49.29 9.72 25.62
C ARG H 5 -47.95 10.40 25.88
N VAL H 6 -46.89 9.86 25.30
CA VAL H 6 -45.56 10.42 25.51
C VAL H 6 -44.65 10.36 24.29
N ILE H 7 -43.48 10.96 24.44
CA ILE H 7 -42.46 10.99 23.40
C ILE H 7 -41.24 10.32 24.03
N VAL H 8 -40.61 9.41 23.30
CA VAL H 8 -39.43 8.73 23.83
C VAL H 8 -38.24 9.71 23.80
N SER H 9 -37.88 10.23 24.98
CA SER H 9 -36.78 11.19 25.13
C SER H 9 -35.45 10.57 24.77
N ASN H 10 -35.19 9.40 25.35
CA ASN H 10 -33.94 8.69 25.12
C ASN H 10 -34.04 7.28 25.65
N LYS H 11 -32.97 6.53 25.41
CA LYS H 11 -32.88 5.17 25.89
C LYS H 11 -31.38 4.91 26.04
N ARG H 12 -31.03 4.18 27.10
CA ARG H 12 -29.62 3.88 27.38
C ARG H 12 -29.37 2.43 27.71
N GLU H 13 -28.21 1.95 27.29
CA GLU H 13 -27.78 0.58 27.55
C GLU H 13 -26.54 0.70 28.42
N LYS H 14 -26.54 0.02 29.56
CA LYS H 14 -25.43 0.11 30.48
C LYS H 14 -25.00 -1.22 31.06
N VAL H 15 -23.75 -1.28 31.50
CA VAL H 15 -23.21 -2.48 32.13
C VAL H 15 -23.09 -2.17 33.61
N ILE H 16 -23.33 -3.17 34.46
CA ILE H 16 -23.23 -2.96 35.89
C ILE H 16 -21.89 -3.44 36.42
N GLU H 32 -25.41 -7.01 35.25
CA GLU H 32 -24.70 -7.21 33.99
C GLU H 32 -25.06 -6.10 32.99
N MSE H 33 -26.17 -6.29 32.28
CA MSE H 33 -26.65 -5.32 31.31
C MSE H 33 -27.96 -4.70 31.75
O MSE H 33 -28.92 -5.40 32.03
CB MSE H 33 -26.86 -6.00 29.96
CG MSE H 33 -25.62 -6.59 29.36
SE MSE H 33 -24.37 -5.22 28.88
CE MSE H 33 -25.13 -4.74 27.18
N ARG H 34 -28.00 -3.38 31.84
CA ARG H 34 -29.22 -2.69 32.24
C ARG H 34 -29.76 -1.95 31.04
N TYR H 35 -31.08 -1.76 31.00
CA TYR H 35 -31.73 -1.04 29.91
C TYR H 35 -32.72 -0.04 30.45
N GLU H 36 -32.63 1.19 29.98
CA GLU H 36 -33.53 2.23 30.43
C GLU H 36 -34.03 3.03 29.25
N ALA H 37 -35.06 3.82 29.51
CA ALA H 37 -35.62 4.69 28.49
C ALA H 37 -36.33 5.76 29.28
N SER H 38 -36.36 6.97 28.74
CA SER H 38 -37.01 8.07 29.41
C SER H 38 -38.09 8.62 28.51
N PHE H 39 -39.31 8.65 29.02
CA PHE H 39 -40.46 9.13 28.27
C PHE H 39 -40.85 10.53 28.74
N ARG H 40 -41.20 11.38 27.80
CA ARG H 40 -41.60 12.75 28.12
C ARG H 40 -43.04 12.96 27.63
N PRO H 41 -43.87 13.63 28.44
CA PRO H 41 -45.27 13.91 28.09
C PRO H 41 -45.46 14.54 26.71
N GLU H 42 -46.56 14.16 26.05
CA GLU H 42 -46.89 14.65 24.72
C GLU H 42 -46.44 16.07 24.40
N ASN H 43 -46.58 16.98 25.36
CA ASN H 43 -46.17 18.36 25.13
C ASN H 43 -45.38 18.90 26.32
N GLY H 44 -45.67 18.39 27.51
CA GLY H 44 -44.98 18.83 28.70
C GLY H 44 -43.52 18.43 28.73
N GLY H 45 -42.99 18.24 29.94
CA GLY H 45 -41.60 17.86 30.10
C GLY H 45 -41.46 16.98 31.33
N LEU H 46 -40.28 16.97 31.94
CA LEU H 46 -40.07 16.15 33.12
C LEU H 46 -40.24 14.68 32.77
N GLU H 47 -39.26 14.14 32.06
CA GLU H 47 -39.28 12.74 31.65
C GLU H 47 -39.30 11.77 32.82
N VAL H 48 -39.66 10.52 32.54
CA VAL H 48 -39.70 9.50 33.57
C VAL H 48 -38.86 8.32 33.09
N VAL H 49 -37.92 7.88 33.93
CA VAL H 49 -37.05 6.76 33.59
C VAL H 49 -37.64 5.41 33.98
N PHE H 50 -37.38 4.42 33.15
CA PHE H 50 -37.89 3.08 33.36
C PHE H 50 -36.82 2.02 33.09
N ARG H 51 -36.92 0.90 33.81
CA ARG H 51 -36.01 -0.22 33.63
C ARG H 51 -36.72 -1.13 32.63
N LEU H 52 -36.03 -1.56 31.58
CA LEU H 52 -36.65 -2.42 30.58
C LEU H 52 -35.77 -3.61 30.27
N ASP H 53 -36.33 -4.65 29.66
CA ASP H 53 -35.53 -5.80 29.28
C ASP H 53 -35.06 -5.53 27.84
N ALA H 54 -34.09 -6.30 27.37
CA ALA H 54 -33.55 -6.09 26.03
C ALA H 54 -34.62 -6.02 24.94
N PRO H 55 -35.46 -7.04 24.82
CA PRO H 55 -36.48 -6.96 23.76
C PRO H 55 -37.27 -5.65 23.75
N GLN H 56 -37.82 -5.26 24.90
CA GLN H 56 -38.60 -4.01 24.96
C GLN H 56 -37.75 -2.81 24.55
N TYR H 57 -36.47 -2.83 24.92
CA TYR H 57 -35.53 -1.76 24.60
C TYR H 57 -35.20 -1.66 23.11
N HIS H 58 -34.94 -2.80 22.48
CA HIS H 58 -34.63 -2.77 21.06
C HIS H 58 -35.85 -2.36 20.24
N ALA H 59 -37.05 -2.63 20.78
CA ALA H 59 -38.28 -2.27 20.07
C ALA H 59 -38.46 -0.77 20.08
N LEU H 60 -38.10 -0.13 21.20
CA LEU H 60 -38.25 1.32 21.34
C LEU H 60 -37.47 2.13 20.32
N SER H 61 -38.17 3.07 19.69
CA SER H 61 -37.55 3.96 18.72
C SER H 61 -37.59 5.38 19.29
N VAL H 62 -36.40 5.87 19.64
CA VAL H 62 -36.28 7.20 20.20
C VAL H 62 -36.87 8.26 19.29
N GLY H 63 -37.65 9.17 19.87
CA GLY H 63 -38.27 10.23 19.11
C GLY H 63 -39.74 9.93 18.83
N ASP H 64 -40.12 8.67 18.97
CA ASP H 64 -41.49 8.26 18.73
C ASP H 64 -42.47 8.76 19.77
N ARG H 65 -43.71 8.96 19.34
CA ARG H 65 -44.79 9.38 20.22
C ARG H 65 -45.76 8.21 20.28
N GLY H 66 -46.46 8.08 21.40
CA GLY H 66 -47.38 6.97 21.55
C GLY H 66 -47.82 6.75 22.98
N MSE H 67 -48.64 5.73 23.20
CA MSE H 67 -49.15 5.44 24.54
C MSE H 67 -48.16 4.66 25.39
O MSE H 67 -47.58 3.67 24.94
CB MSE H 67 -50.46 4.67 24.45
CG MSE H 67 -51.33 4.75 25.72
SE MSE H 67 -51.90 6.57 26.13
CE MSE H 67 -52.94 6.92 24.54
N LEU H 68 -47.97 5.11 26.62
CA LEU H 68 -47.07 4.46 27.56
C LEU H 68 -47.88 3.72 28.63
N SER H 69 -47.60 2.42 28.79
CA SER H 69 -48.29 1.61 29.81
C SER H 69 -47.33 1.23 30.93
N TYR H 70 -47.70 1.57 32.17
CA TYR H 70 -46.87 1.30 33.34
C TYR H 70 -47.71 1.20 34.63
N LYS H 71 -47.07 0.73 35.69
CA LYS H 71 -47.72 0.60 36.99
C LYS H 71 -46.72 1.00 38.08
N GLY H 72 -46.74 2.29 38.42
CA GLY H 72 -45.83 2.80 39.43
C GLY H 72 -44.49 3.14 38.80
N THR H 73 -43.54 2.21 38.89
CA THR H 73 -42.22 2.41 38.31
C THR H 73 -41.98 1.32 37.27
N ALA H 74 -42.80 0.27 37.34
CA ALA H 74 -42.68 -0.84 36.41
C ALA H 74 -43.15 -0.46 35.01
N PHE H 75 -42.43 -0.94 34.01
CA PHE H 75 -42.76 -0.69 32.61
C PHE H 75 -43.62 -1.84 32.13
N VAL H 76 -44.75 -1.50 31.51
CA VAL H 76 -45.65 -2.51 30.98
C VAL H 76 -45.51 -2.60 29.47
N ALA H 77 -45.62 -1.45 28.79
CA ALA H 77 -45.49 -1.42 27.34
C ALA H 77 -45.48 -0.01 26.79
N PHE H 78 -45.05 0.12 25.53
CA PHE H 78 -45.04 1.40 24.85
C PHE H 78 -45.44 1.17 23.41
N THR H 79 -46.61 1.66 23.04
CA THR H 79 -47.13 1.49 21.69
C THR H 79 -46.98 2.75 20.87
N PRO H 80 -46.19 2.67 19.80
CA PRO H 80 -46.01 3.87 18.97
C PRO H 80 -47.25 4.17 18.12
N ASP H 81 -47.50 5.44 17.84
CA ASP H 81 -48.64 5.83 17.01
C ASP H 81 -48.38 5.28 15.61
N PRO H 82 -49.42 4.67 14.99
CA PRO H 82 -49.24 4.14 13.64
C PRO H 82 -48.86 5.20 12.61
N LEU I 1 26.25 -33.14 4.24
CA LEU I 1 26.79 -34.04 3.18
C LEU I 1 25.72 -34.96 2.60
N LEU I 2 24.47 -34.73 2.98
CA LEU I 2 23.35 -35.55 2.49
C LEU I 2 22.95 -35.17 1.06
N GLN I 3 22.37 -36.13 0.35
CA GLN I 3 21.92 -35.94 -1.02
C GLN I 3 20.52 -36.50 -1.21
N LYS I 4 19.95 -36.24 -2.39
CA LYS I 4 18.62 -36.73 -2.70
C LYS I 4 18.33 -36.42 -4.16
N ARG I 5 17.92 -37.43 -4.92
CA ARG I 5 17.63 -37.19 -6.33
C ARG I 5 16.33 -36.39 -6.35
N VAL I 6 16.32 -35.31 -7.12
CA VAL I 6 15.15 -34.46 -7.19
C VAL I 6 14.95 -33.90 -8.58
N ILE I 7 13.95 -33.04 -8.66
CA ILE I 7 13.61 -32.35 -9.89
C ILE I 7 13.20 -30.98 -9.35
N VAL I 8 13.64 -29.92 -10.02
CA VAL I 8 13.29 -28.58 -9.61
C VAL I 8 11.82 -28.39 -10.03
N SER I 9 10.92 -28.35 -9.06
CA SER I 9 9.49 -28.22 -9.35
C SER I 9 9.01 -26.77 -9.53
N ASN I 10 9.74 -25.82 -8.96
CA ASN I 10 9.38 -24.42 -9.14
C ASN I 10 10.38 -23.46 -8.49
N LYS I 11 10.36 -22.22 -8.96
CA LYS I 11 11.22 -21.15 -8.49
C LYS I 11 10.37 -19.91 -8.31
N ARG I 12 10.59 -19.17 -7.24
CA ARG I 12 9.84 -17.95 -7.01
C ARG I 12 10.68 -16.81 -6.48
N GLU I 13 10.61 -15.67 -7.16
CA GLU I 13 11.34 -14.52 -6.69
C GLU I 13 10.33 -13.40 -6.48
N LYS I 14 10.47 -12.70 -5.36
CA LYS I 14 9.59 -11.58 -5.03
C LYS I 14 10.40 -10.49 -4.37
N VAL I 15 9.79 -9.32 -4.22
CA VAL I 15 10.45 -8.19 -3.58
C VAL I 15 9.54 -7.66 -2.47
N ILE I 16 10.13 -7.21 -1.37
CA ILE I 16 9.35 -6.68 -0.25
C ILE I 16 10.09 -5.52 0.44
N ASN I 17 9.32 -4.73 1.18
CA ASN I 17 9.89 -3.61 1.93
C ASN I 17 10.27 -4.23 3.29
N ASP I 18 11.50 -4.72 3.34
CA ASP I 18 12.08 -5.35 4.52
C ASP I 18 12.12 -4.45 5.75
N ARG I 19 11.21 -4.67 6.68
CA ARG I 19 11.17 -3.88 7.90
C ARG I 19 11.42 -4.78 9.09
N ARG I 20 12.45 -5.60 8.94
CA ARG I 20 12.94 -6.54 9.94
C ARG I 20 12.02 -7.75 10.10
N SER I 21 12.04 -8.61 9.07
CA SER I 21 11.24 -9.82 9.04
C SER I 21 11.40 -10.52 7.69
N GLU I 32 15.31 -6.64 0.37
CA GLU I 32 14.49 -6.25 -0.76
C GLU I 32 14.05 -7.48 -1.56
N MSE I 33 15.01 -8.15 -2.21
CA MSE I 33 14.73 -9.33 -3.01
C MSE I 33 14.85 -10.63 -2.20
O MSE I 33 15.76 -10.77 -1.38
CB MSE I 33 15.68 -9.42 -4.21
CG MSE I 33 15.51 -8.29 -5.18
SE MSE I 33 13.96 -8.55 -6.28
CE MSE I 33 14.81 -8.37 -8.01
N ARG I 34 13.92 -11.55 -2.42
CA ARG I 34 13.93 -12.85 -1.75
C ARG I 34 13.72 -13.89 -2.83
N TYR I 35 14.42 -15.01 -2.73
CA TYR I 35 14.31 -16.08 -3.71
C TYR I 35 14.10 -17.40 -3.00
N GLU I 36 13.57 -18.38 -3.73
CA GLU I 36 13.35 -19.71 -3.18
C GLU I 36 13.09 -20.72 -4.30
N ALA I 37 13.24 -21.99 -3.99
CA ALA I 37 13.03 -23.03 -4.97
C ALA I 37 12.55 -24.30 -4.29
N SER I 38 11.70 -25.02 -5.00
CA SER I 38 11.18 -26.27 -4.47
C SER I 38 11.69 -27.43 -5.29
N PHE I 39 12.04 -28.50 -4.59
CA PHE I 39 12.55 -29.69 -5.24
C PHE I 39 11.64 -30.86 -4.91
N ARG I 40 11.25 -31.60 -5.94
CA ARG I 40 10.39 -32.75 -5.76
C ARG I 40 11.21 -34.02 -5.86
N PRO I 41 11.30 -34.78 -4.76
CA PRO I 41 12.08 -36.01 -4.83
C PRO I 41 11.30 -37.07 -5.61
N GLU I 42 11.99 -38.12 -6.05
CA GLU I 42 11.34 -39.18 -6.81
C GLU I 42 10.41 -39.99 -5.91
N ASN I 43 10.66 -39.88 -4.60
CA ASN I 43 9.86 -40.60 -3.60
C ASN I 43 8.82 -39.66 -2.96
N LEU I 46 7.99 -36.00 0.12
CA LEU I 46 7.31 -34.78 -0.26
C LEU I 46 8.24 -33.70 -0.80
N GLU I 47 7.65 -32.67 -1.38
CA GLU I 47 8.35 -31.53 -1.96
C GLU I 47 9.01 -30.58 -0.92
N VAL I 48 10.31 -30.31 -1.11
CA VAL I 48 11.06 -29.45 -0.20
C VAL I 48 11.27 -28.02 -0.68
N VAL I 49 11.12 -27.04 0.21
CA VAL I 49 11.33 -25.64 -0.16
C VAL I 49 12.59 -25.08 0.48
N PHE I 50 13.27 -24.22 -0.27
CA PHE I 50 14.51 -23.62 0.19
C PHE I 50 14.63 -22.15 -0.18
N ARG I 51 15.24 -21.37 0.69
CA ARG I 51 15.48 -19.97 0.40
C ARG I 51 16.85 -19.97 -0.29
N LEU I 52 16.99 -19.27 -1.41
CA LEU I 52 18.26 -19.26 -2.13
C LEU I 52 18.78 -17.83 -2.34
N ASP I 53 20.00 -17.70 -2.84
CA ASP I 53 20.53 -16.39 -3.13
C ASP I 53 20.42 -16.23 -4.63
N ALA I 54 20.61 -15.01 -5.11
CA ALA I 54 20.49 -14.74 -6.54
C ALA I 54 21.21 -15.78 -7.40
N PRO I 55 22.54 -15.93 -7.24
CA PRO I 55 23.30 -16.90 -8.03
C PRO I 55 22.67 -18.30 -8.03
N GLN I 56 22.46 -18.86 -6.84
CA GLN I 56 21.86 -20.17 -6.72
C GLN I 56 20.49 -20.24 -7.43
N TYR I 57 19.70 -19.18 -7.30
CA TYR I 57 18.38 -19.12 -7.91
C TYR I 57 18.41 -19.02 -9.44
N HIS I 58 19.23 -18.12 -9.97
CA HIS I 58 19.32 -17.96 -11.42
C HIS I 58 19.99 -19.14 -12.09
N ALA I 59 20.73 -19.94 -11.34
CA ALA I 59 21.41 -21.09 -11.95
C ALA I 59 20.41 -22.22 -12.18
N LEU I 60 19.36 -22.27 -11.33
CA LEU I 60 18.36 -23.32 -11.45
C LEU I 60 17.51 -23.21 -12.70
N SER I 61 17.08 -24.35 -13.21
CA SER I 61 16.24 -24.40 -14.39
C SER I 61 15.10 -25.35 -14.04
N VAL I 62 13.91 -24.80 -13.82
CA VAL I 62 12.76 -25.62 -13.46
C VAL I 62 12.58 -26.76 -14.44
N GLY I 63 12.39 -27.97 -13.91
CA GLY I 63 12.24 -29.12 -14.76
C GLY I 63 13.50 -29.98 -14.79
N ASP I 64 14.63 -29.43 -14.34
CA ASP I 64 15.87 -30.19 -14.30
C ASP I 64 15.84 -31.32 -13.28
N ARG I 65 16.47 -32.44 -13.64
CA ARG I 65 16.59 -33.59 -12.74
C ARG I 65 18.05 -33.61 -12.27
N GLY I 66 18.27 -33.89 -11.00
CA GLY I 66 19.63 -33.90 -10.50
C GLY I 66 19.78 -34.32 -9.05
N MSE I 67 20.88 -33.89 -8.46
CA MSE I 67 21.17 -34.24 -7.07
C MSE I 67 21.20 -33.02 -6.17
O MSE I 67 21.95 -32.07 -6.38
CB MSE I 67 22.53 -34.96 -7.03
CG MSE I 67 22.70 -35.95 -5.87
SE MSE I 67 21.57 -37.52 -6.04
CE MSE I 67 21.56 -37.67 -7.97
N LEU I 68 20.36 -33.05 -5.14
CA LEU I 68 20.29 -31.94 -4.19
C LEU I 68 21.25 -32.22 -3.04
N SER I 69 22.12 -31.27 -2.74
CA SER I 69 23.05 -31.42 -1.63
C SER I 69 22.56 -30.59 -0.47
N TYR I 70 22.53 -31.18 0.71
CA TYR I 70 22.08 -30.49 1.90
C TYR I 70 22.70 -31.06 3.16
N LYS I 71 22.62 -30.28 4.23
CA LYS I 71 23.15 -30.69 5.52
C LYS I 71 22.09 -30.23 6.50
N GLY I 72 21.61 -31.15 7.34
CA GLY I 72 20.57 -30.79 8.28
C GLY I 72 19.32 -30.33 7.55
N THR I 73 19.04 -29.04 7.63
CA THR I 73 17.87 -28.47 6.97
C THR I 73 18.31 -27.32 6.06
N ALA I 74 19.60 -27.30 5.76
CA ALA I 74 20.16 -26.26 4.92
C ALA I 74 20.47 -26.71 3.49
N PHE I 75 20.22 -25.83 2.54
CA PHE I 75 20.50 -26.09 1.15
C PHE I 75 22.01 -25.91 0.93
N VAL I 76 22.65 -26.86 0.27
CA VAL I 76 24.07 -26.70 0.01
C VAL I 76 24.26 -26.44 -1.46
N ALA I 77 23.71 -27.29 -2.31
CA ALA I 77 23.82 -27.10 -3.75
C ALA I 77 22.84 -27.98 -4.52
N PHE I 78 22.75 -27.72 -5.82
CA PHE I 78 21.94 -28.53 -6.71
C PHE I 78 22.78 -28.80 -7.96
N THR I 79 22.92 -30.07 -8.32
CA THR I 79 23.72 -30.41 -9.49
C THR I 79 22.87 -31.13 -10.51
N PRO I 80 22.59 -30.46 -11.63
CA PRO I 80 21.77 -31.05 -12.69
C PRO I 80 22.45 -32.23 -13.35
N ASP I 81 21.67 -33.23 -13.77
CA ASP I 81 22.25 -34.37 -14.45
C ASP I 81 22.74 -33.84 -15.80
N PRO I 82 23.80 -34.43 -16.35
CA PRO I 82 24.34 -33.98 -17.62
C PRO I 82 23.42 -34.37 -18.79
N LEU I 83 23.30 -33.48 -19.77
CA LEU I 83 22.46 -33.67 -20.97
C LEU I 83 20.96 -33.41 -20.73
N LEU J 1 -9.61 -1.55 -22.54
CA LEU J 1 -9.11 -2.37 -21.40
C LEU J 1 -8.37 -1.52 -20.37
N LEU J 2 -8.24 -2.05 -19.16
CA LEU J 2 -7.58 -1.36 -18.05
C LEU J 2 -6.07 -1.21 -18.19
N GLN J 3 -5.59 -0.01 -17.87
CA GLN J 3 -4.18 0.35 -17.92
C GLN J 3 -3.89 0.98 -16.57
N LYS J 4 -3.10 0.31 -15.73
CA LYS J 4 -2.80 0.80 -14.38
C LYS J 4 -1.32 0.71 -13.97
N ARG J 5 -0.84 1.65 -13.15
CA ARG J 5 0.56 1.63 -12.70
C ARG J 5 0.79 0.56 -11.64
N VAL J 6 1.85 -0.22 -11.83
CA VAL J 6 2.18 -1.31 -10.92
C VAL J 6 3.69 -1.41 -10.72
N ILE J 7 4.13 -2.25 -9.78
CA ILE J 7 5.58 -2.39 -9.55
C ILE J 7 6.17 -3.79 -9.70
N VAL J 8 5.43 -4.73 -10.30
CA VAL J 8 5.91 -6.10 -10.47
C VAL J 8 6.47 -6.59 -9.14
N SER J 9 5.61 -7.25 -8.37
CA SER J 9 6.00 -7.74 -7.06
C SER J 9 6.63 -9.14 -7.03
N ASN J 10 6.33 -10.00 -7.99
CA ASN J 10 6.96 -11.32 -8.01
C ASN J 10 6.69 -12.22 -9.20
N LYS J 11 7.63 -13.14 -9.45
CA LYS J 11 7.55 -14.09 -10.55
C LYS J 11 7.65 -15.53 -10.03
N ARG J 12 6.82 -16.41 -10.58
CA ARG J 12 6.81 -17.81 -10.18
C ARG J 12 6.82 -18.70 -11.40
N GLU J 13 7.74 -19.65 -11.40
CA GLU J 13 7.84 -20.59 -12.51
C GLU J 13 7.76 -21.99 -11.92
N LYS J 14 6.84 -22.81 -12.42
CA LYS J 14 6.67 -24.17 -11.91
C LYS J 14 6.46 -25.15 -13.06
N VAL J 15 6.64 -26.43 -12.79
CA VAL J 15 6.48 -27.46 -13.82
C VAL J 15 5.33 -28.41 -13.48
N ILE J 16 4.41 -28.58 -14.42
CA ILE J 16 3.27 -29.47 -14.22
C ILE J 16 2.87 -30.12 -15.54
N GLU J 32 6.46 -29.38 -19.26
CA GLU J 32 5.51 -28.28 -19.51
C GLU J 32 5.63 -27.20 -18.43
N MSE J 33 6.03 -26.00 -18.85
CA MSE J 33 6.19 -24.90 -17.92
C MSE J 33 4.90 -24.10 -17.66
O MSE J 33 3.98 -24.09 -18.48
CB MSE J 33 7.27 -23.94 -18.42
CG MSE J 33 8.63 -24.60 -18.65
SE MSE J 33 9.23 -25.62 -17.12
CE MSE J 33 9.46 -24.17 -15.89
N ARG J 34 4.86 -23.44 -16.51
CA ARG J 34 3.73 -22.62 -16.14
C ARG J 34 4.35 -21.38 -15.51
N TYR J 35 4.12 -20.22 -16.13
CA TYR J 35 4.68 -18.96 -15.66
C TYR J 35 3.63 -18.07 -14.99
N GLU J 36 4.01 -17.41 -13.89
CA GLU J 36 3.09 -16.56 -13.18
C GLU J 36 3.77 -15.27 -12.78
N ALA J 37 3.00 -14.19 -12.71
CA ALA J 37 3.54 -12.90 -12.31
C ALA J 37 2.49 -12.07 -11.57
N SER J 38 2.92 -11.37 -10.52
CA SER J 38 2.03 -10.53 -9.74
C SER J 38 2.40 -9.05 -9.89
N PHE J 39 1.38 -8.19 -9.77
CA PHE J 39 1.60 -6.76 -9.88
C PHE J 39 0.90 -6.08 -8.70
N ARG J 40 1.62 -5.19 -8.03
CA ARG J 40 1.12 -4.47 -6.86
C ARG J 40 1.02 -2.97 -7.12
N PRO J 41 -0.16 -2.49 -7.53
CA PRO J 41 -0.37 -1.06 -7.80
C PRO J 41 0.25 -0.13 -6.74
N GLY J 45 -3.40 -0.34 -3.77
CA GLY J 45 -4.47 -1.25 -4.12
C GLY J 45 -4.24 -2.67 -3.64
N LEU J 46 -4.42 -3.65 -4.52
CA LEU J 46 -4.22 -5.05 -4.16
C LEU J 46 -3.15 -5.67 -5.06
N GLU J 47 -2.94 -6.97 -4.95
CA GLU J 47 -1.92 -7.63 -5.77
C GLU J 47 -2.59 -8.61 -6.72
N VAL J 48 -2.50 -8.33 -8.01
CA VAL J 48 -3.11 -9.18 -9.03
C VAL J 48 -2.13 -10.16 -9.67
N VAL J 49 -2.54 -11.42 -9.73
CA VAL J 49 -1.73 -12.50 -10.28
C VAL J 49 -2.24 -12.84 -11.68
N PHE J 50 -1.32 -13.15 -12.59
CA PHE J 50 -1.65 -13.49 -13.98
C PHE J 50 -0.80 -14.66 -14.46
N ARG J 51 -1.36 -15.43 -15.39
CA ARG J 51 -0.63 -16.54 -15.99
C ARG J 51 -0.01 -15.91 -17.21
N LEU J 52 1.28 -16.15 -17.43
CA LEU J 52 1.98 -15.57 -18.57
C LEU J 52 2.61 -16.65 -19.42
N ASP J 53 3.17 -16.23 -20.55
CA ASP J 53 3.88 -17.15 -21.42
C ASP J 53 5.35 -16.86 -21.15
N ALA J 54 6.21 -17.81 -21.50
CA ALA J 54 7.64 -17.68 -21.25
C ALA J 54 8.25 -16.35 -21.71
N PRO J 55 8.00 -15.94 -22.95
CA PRO J 55 8.57 -14.68 -23.44
C PRO J 55 8.20 -13.49 -22.55
N GLN J 56 6.93 -13.39 -22.18
CA GLN J 56 6.48 -12.29 -21.33
C GLN J 56 7.13 -12.42 -19.96
N TYR J 57 7.12 -13.64 -19.44
CA TYR J 57 7.69 -13.91 -18.13
C TYR J 57 9.16 -13.50 -18.03
N HIS J 58 9.94 -13.84 -19.05
CA HIS J 58 11.36 -13.51 -19.01
C HIS J 58 11.64 -12.03 -19.24
N ALA J 59 10.67 -11.32 -19.80
CA ALA J 59 10.85 -9.89 -20.04
C ALA J 59 10.70 -9.14 -18.70
N LEU J 60 9.79 -9.60 -17.85
CA LEU J 60 9.60 -8.95 -16.56
C LEU J 60 10.82 -8.97 -15.67
N SER J 61 10.85 -8.00 -14.75
CA SER J 61 11.90 -7.89 -13.76
C SER J 61 11.22 -7.42 -12.48
N VAL J 62 11.16 -8.30 -11.49
CA VAL J 62 10.57 -7.98 -10.21
C VAL J 62 11.20 -6.69 -9.67
N GLY J 63 10.36 -5.80 -9.17
CA GLY J 63 10.86 -4.55 -8.66
C GLY J 63 10.65 -3.43 -9.66
N ASP J 64 10.49 -3.78 -10.93
CA ASP J 64 10.27 -2.78 -11.97
C ASP J 64 8.92 -2.11 -11.84
N ARG J 65 8.87 -0.85 -12.22
CA ARG J 65 7.65 -0.06 -12.18
C ARG J 65 7.24 0.24 -13.61
N GLY J 66 5.94 0.26 -13.88
CA GLY J 66 5.48 0.53 -15.22
C GLY J 66 3.99 0.41 -15.40
N MSE J 67 3.56 0.39 -16.65
CA MSE J 67 2.15 0.31 -17.00
C MSE J 67 1.68 -1.10 -17.36
O MSE J 67 2.22 -1.74 -18.25
CB MSE J 67 1.84 1.22 -18.18
CG MSE J 67 1.98 2.71 -17.87
SE MSE J 67 0.73 3.32 -16.52
CE MSE J 67 -0.90 2.53 -17.22
N LEU J 68 0.68 -1.58 -16.63
CA LEU J 68 0.09 -2.89 -16.85
C LEU J 68 -1.17 -2.71 -17.69
N SER J 69 -1.29 -3.51 -18.75
CA SER J 69 -2.45 -3.46 -19.62
C SER J 69 -3.13 -4.81 -19.42
N TYR J 70 -4.43 -4.81 -19.16
CA TYR J 70 -5.12 -6.07 -18.96
C TYR J 70 -6.63 -5.91 -19.00
N LYS J 71 -7.31 -6.95 -18.57
CA LYS J 71 -8.76 -6.99 -18.49
C LYS J 71 -9.12 -8.37 -17.99
N GLY J 72 -9.87 -8.41 -16.89
CA GLY J 72 -10.24 -9.70 -16.33
C GLY J 72 -9.03 -10.56 -16.04
N THR J 73 -9.08 -11.78 -16.52
CA THR J 73 -8.01 -12.74 -16.34
C THR J 73 -7.02 -12.65 -17.48
N ALA J 74 -7.18 -11.64 -18.33
CA ALA J 74 -6.29 -11.51 -19.47
C ALA J 74 -5.17 -10.49 -19.33
N PHE J 75 -3.95 -11.00 -19.30
CA PHE J 75 -2.77 -10.16 -19.21
C PHE J 75 -2.47 -9.77 -20.65
N VAL J 76 -2.41 -8.47 -20.91
CA VAL J 76 -2.11 -8.03 -22.26
C VAL J 76 -0.65 -7.59 -22.41
N ALA J 77 -0.16 -6.78 -21.48
CA ALA J 77 1.20 -6.29 -21.61
C ALA J 77 1.67 -5.46 -20.43
N PHE J 78 2.99 -5.42 -20.26
CA PHE J 78 3.63 -4.63 -19.19
C PHE J 78 4.78 -3.83 -19.78
N THR J 79 4.63 -2.51 -19.79
CA THR J 79 5.63 -1.59 -20.31
C THR J 79 6.30 -0.94 -19.10
N PRO J 80 7.58 -1.24 -18.86
CA PRO J 80 8.30 -0.67 -17.72
C PRO J 80 8.69 0.80 -17.90
N ASP J 81 8.93 1.49 -16.80
CA ASP J 81 9.34 2.90 -16.85
C ASP J 81 10.74 2.97 -17.46
N PRO J 82 11.05 4.05 -18.20
CA PRO J 82 12.36 4.22 -18.82
C PRO J 82 13.40 4.73 -17.82
N LEU K 1 5.77 9.61 13.99
CA LEU K 1 5.22 8.28 13.58
C LEU K 1 4.38 8.37 12.32
N LEU K 2 4.71 7.54 11.35
CA LEU K 2 3.96 7.50 10.10
C LEU K 2 2.62 6.79 10.33
N GLN K 3 1.61 7.16 9.55
CA GLN K 3 0.29 6.57 9.65
C GLN K 3 -0.31 6.47 8.26
N LYS K 4 -0.17 5.30 7.65
CA LYS K 4 -0.66 5.05 6.30
C LYS K 4 -1.82 4.05 6.23
N ARG K 5 -2.70 4.24 5.26
CA ARG K 5 -3.82 3.32 5.09
C ARG K 5 -3.30 2.06 4.45
N VAL K 6 -3.55 0.91 5.08
CA VAL K 6 -3.09 -0.35 4.52
C VAL K 6 -4.11 -1.46 4.67
N ILE K 7 -3.74 -2.61 4.12
CA ILE K 7 -4.56 -3.81 4.22
C ILE K 7 -3.59 -4.91 4.68
N VAL K 8 -4.06 -5.78 5.56
CA VAL K 8 -3.22 -6.86 6.04
C VAL K 8 -3.20 -7.90 4.92
N SER K 9 -2.08 -8.00 4.23
CA SER K 9 -1.94 -8.90 3.11
C SER K 9 -1.32 -10.25 3.45
N ASN K 10 -0.51 -10.29 4.49
CA ASN K 10 0.18 -11.52 4.85
C ASN K 10 0.42 -11.72 6.35
N LYS K 11 0.47 -12.98 6.76
CA LYS K 11 0.67 -13.30 8.17
C LYS K 11 1.42 -14.63 8.30
N ARG K 12 2.55 -14.61 9.02
CA ARG K 12 3.34 -15.83 9.16
C ARG K 12 3.79 -16.13 10.59
N GLU K 13 3.79 -17.41 10.92
CA GLU K 13 4.16 -17.87 12.24
C GLU K 13 5.09 -19.08 12.09
N LYS K 14 6.27 -19.01 12.72
CA LYS K 14 7.21 -20.11 12.62
C LYS K 14 7.99 -20.38 13.89
N VAL K 15 8.59 -21.56 13.93
CA VAL K 15 9.40 -22.01 15.06
C VAL K 15 10.84 -21.67 14.74
N ILE K 16 11.39 -20.65 15.39
CA ILE K 16 12.77 -20.24 15.14
C ILE K 16 13.76 -21.30 15.56
N GLU K 32 11.16 -18.62 21.11
CA GLU K 32 10.99 -19.84 20.32
C GLU K 32 10.10 -19.58 19.10
N MSE K 33 9.09 -18.74 19.29
CA MSE K 33 8.16 -18.40 18.21
C MSE K 33 8.48 -17.07 17.55
O MSE K 33 8.85 -16.10 18.22
CB MSE K 33 6.74 -18.33 18.78
CG MSE K 33 6.22 -19.65 19.31
SE MSE K 33 6.08 -20.95 17.90
CE MSE K 33 4.55 -20.20 16.99
N ARG K 34 8.32 -17.02 16.24
CA ARG K 34 8.55 -15.79 15.48
C ARG K 34 7.22 -15.45 14.82
N TYR K 35 6.90 -14.16 14.73
CA TYR K 35 5.65 -13.73 14.12
C TYR K 35 5.91 -12.55 13.21
N GLU K 36 5.34 -12.60 12.00
CA GLU K 36 5.51 -11.53 11.04
C GLU K 36 4.20 -11.23 10.31
N ALA K 37 3.96 -9.94 10.06
CA ALA K 37 2.76 -9.50 9.37
C ALA K 37 3.18 -8.53 8.28
N SER K 38 2.45 -8.55 7.17
CA SER K 38 2.76 -7.68 6.05
C SER K 38 1.57 -6.76 5.78
N PHE K 39 1.84 -5.57 5.28
CA PHE K 39 0.78 -4.61 5.00
C PHE K 39 0.91 -3.92 3.64
N ARG K 40 -0.17 -3.97 2.85
CA ARG K 40 -0.20 -3.33 1.54
C ARG K 40 -0.88 -1.98 1.63
N PRO K 41 -0.12 -0.90 1.40
CA PRO K 41 -0.68 0.45 1.47
C PRO K 41 -1.88 0.70 0.53
N GLU K 42 -2.46 1.89 0.64
CA GLU K 42 -3.62 2.26 -0.18
C GLU K 42 -4.70 1.17 -0.12
N GLY K 45 1.50 0.97 -3.09
CA GLY K 45 1.91 -0.42 -3.18
C GLY K 45 3.36 -0.63 -2.79
N LEU K 46 3.62 -1.71 -2.08
CA LEU K 46 4.97 -2.01 -1.64
C LEU K 46 4.91 -2.58 -0.23
N GLU K 47 4.59 -3.86 -0.13
CA GLU K 47 4.46 -4.58 1.14
C GLU K 47 5.49 -4.32 2.22
N VAL K 48 5.05 -3.80 3.36
CA VAL K 48 5.92 -3.54 4.49
C VAL K 48 5.77 -4.74 5.44
N VAL K 49 6.89 -5.37 5.77
CA VAL K 49 6.87 -6.52 6.66
C VAL K 49 7.46 -6.15 8.01
N PHE K 50 6.83 -6.63 9.09
CA PHE K 50 7.28 -6.33 10.44
C PHE K 50 7.29 -7.58 11.32
N ARG K 51 8.12 -7.55 12.37
CA ARG K 51 8.17 -8.64 13.34
C ARG K 51 7.17 -8.23 14.40
N LEU K 52 6.37 -9.16 14.87
CA LEU K 52 5.39 -8.84 15.90
C LEU K 52 5.46 -9.80 17.07
N ASP K 53 4.68 -9.50 18.10
CA ASP K 53 4.61 -10.35 19.27
C ASP K 53 3.33 -11.16 19.15
N ALA K 54 3.16 -12.17 20.00
CA ALA K 54 1.99 -13.03 19.96
C ALA K 54 0.67 -12.25 19.95
N PRO K 55 0.42 -11.43 20.99
CA PRO K 55 -0.82 -10.66 21.03
C PRO K 55 -1.14 -9.93 19.73
N GLN K 56 -0.20 -9.13 19.28
CA GLN K 56 -0.41 -8.37 18.07
C GLN K 56 -0.69 -9.29 16.89
N TYR K 57 0.18 -10.26 16.67
CA TYR K 57 0.00 -11.20 15.56
C TYR K 57 -1.36 -11.91 15.60
N HIS K 58 -1.78 -12.39 16.76
CA HIS K 58 -3.07 -13.08 16.87
C HIS K 58 -4.27 -12.17 16.58
N ALA K 59 -4.22 -10.94 17.07
CA ALA K 59 -5.29 -9.96 16.88
C ALA K 59 -5.54 -9.57 15.42
N LEU K 60 -4.55 -9.80 14.56
CA LEU K 60 -4.67 -9.46 13.15
C LEU K 60 -5.45 -10.46 12.32
N SER K 61 -6.22 -9.93 11.39
CA SER K 61 -6.99 -10.76 10.46
C SER K 61 -6.51 -10.35 9.08
N VAL K 62 -5.93 -11.29 8.36
CA VAL K 62 -5.45 -11.01 7.01
C VAL K 62 -6.67 -10.63 6.17
N GLY K 63 -6.51 -9.59 5.35
CA GLY K 63 -7.61 -9.16 4.53
C GLY K 63 -8.28 -7.90 5.07
N ASP K 64 -8.00 -7.56 6.33
CA ASP K 64 -8.59 -6.36 6.91
C ASP K 64 -7.95 -5.07 6.43
N ARG K 65 -8.74 -4.02 6.40
CA ARG K 65 -8.28 -2.70 6.00
C ARG K 65 -8.24 -1.83 7.25
N GLY K 66 -7.20 -1.02 7.36
CA GLY K 66 -7.06 -0.16 8.52
C GLY K 66 -5.91 0.82 8.44
N MSE K 67 -5.51 1.30 9.61
CA MSE K 67 -4.44 2.28 9.70
C MSE K 67 -3.23 1.66 10.36
O MSE K 67 -3.32 1.10 11.45
CB MSE K 67 -4.91 3.47 10.53
CG MSE K 67 -4.04 4.71 10.40
SE MSE K 67 -4.22 5.55 8.65
CE MSE K 67 -6.15 5.72 8.62
N LEU K 68 -2.10 1.74 9.67
CA LEU K 68 -0.86 1.20 10.18
C LEU K 68 -0.05 2.34 10.78
N SER K 69 0.44 2.12 11.99
CA SER K 69 1.24 3.11 12.69
C SER K 69 2.63 2.50 12.90
N TYR K 70 3.66 3.15 12.38
CA TYR K 70 5.00 2.62 12.53
C TYR K 70 6.08 3.66 12.27
N LYS K 71 7.31 3.18 12.16
CA LYS K 71 8.47 4.01 11.91
C LYS K 71 9.69 3.11 11.73
N GLY K 72 10.33 3.20 10.56
CA GLY K 72 11.49 2.37 10.30
C GLY K 72 11.15 0.89 10.43
N THR K 73 11.88 0.21 11.30
CA THR K 73 11.65 -1.21 11.52
C THR K 73 10.78 -1.41 12.75
N ALA K 74 10.19 -0.33 13.23
CA ALA K 74 9.36 -0.40 14.42
C ALA K 74 7.87 -0.39 14.14
N PHE K 75 7.23 -1.52 14.40
CA PHE K 75 5.78 -1.64 14.22
C PHE K 75 5.17 -1.12 15.50
N VAL K 76 4.28 -0.14 15.40
CA VAL K 76 3.67 0.39 16.60
C VAL K 76 2.27 -0.18 16.79
N ALA K 77 1.46 -0.14 15.73
CA ALA K 77 0.12 -0.69 15.85
C ALA K 77 -0.64 -0.76 14.53
N PHE K 78 -1.76 -1.48 14.57
CA PHE K 78 -2.63 -1.61 13.41
C PHE K 78 -4.06 -1.52 13.91
N THR K 79 -4.78 -0.51 13.42
CA THR K 79 -6.16 -0.28 13.80
C THR K 79 -7.07 -0.61 12.62
N PRO K 80 -7.82 -1.71 12.72
CA PRO K 80 -8.73 -2.12 11.65
C PRO K 80 -9.98 -1.24 11.50
N ASP K 81 -10.54 -1.23 10.30
CA ASP K 81 -11.77 -0.48 10.05
C ASP K 81 -12.87 -1.24 10.77
N PRO K 82 -13.91 -0.54 11.22
CA PRO K 82 -14.99 -1.24 11.91
C PRO K 82 -15.92 -1.91 10.90
N LEU L 1 6.35 -4.00 -73.16
CA LEU L 1 6.13 -2.99 -72.10
C LEU L 1 4.82 -2.28 -72.36
N LEU L 2 3.82 -2.53 -71.51
CA LEU L 2 2.51 -1.91 -71.66
C LEU L 2 2.21 -0.96 -70.52
N GLN L 3 1.29 -0.04 -70.77
CA GLN L 3 0.85 0.94 -69.77
C GLN L 3 -0.67 0.95 -69.75
N LYS L 4 -1.22 1.13 -68.55
CA LYS L 4 -2.66 1.14 -68.39
C LYS L 4 -3.02 1.96 -67.16
N ARG L 5 -4.14 2.67 -67.23
CA ARG L 5 -4.59 3.44 -66.09
C ARG L 5 -5.19 2.45 -65.11
N VAL L 6 -4.93 2.65 -63.82
CA VAL L 6 -5.45 1.76 -62.80
C VAL L 6 -5.51 2.43 -61.44
N ILE L 7 -6.07 1.70 -60.50
CA ILE L 7 -6.16 2.17 -59.14
C ILE L 7 -5.43 1.12 -58.30
N VAL L 8 -4.65 1.57 -57.33
CA VAL L 8 -3.94 0.63 -56.47
C VAL L 8 -5.05 0.10 -55.59
N SER L 9 -5.64 -0.99 -56.06
CA SER L 9 -6.76 -1.65 -55.41
C SER L 9 -6.46 -2.30 -54.07
N ASN L 10 -5.31 -2.96 -53.96
CA ASN L 10 -4.98 -3.64 -52.71
C ASN L 10 -3.49 -3.93 -52.50
N LYS L 11 -3.10 -4.07 -51.23
CA LYS L 11 -1.72 -4.39 -50.86
C LYS L 11 -1.70 -5.47 -49.77
N ARG L 12 -0.91 -6.51 -49.99
CA ARG L 12 -0.85 -7.57 -49.00
C ARG L 12 0.59 -7.91 -48.68
N GLU L 13 0.82 -8.19 -47.41
CA GLU L 13 2.14 -8.56 -46.94
C GLU L 13 1.89 -9.92 -46.30
N LYS L 14 2.79 -10.87 -46.57
CA LYS L 14 2.64 -12.22 -46.05
C LYS L 14 3.98 -12.85 -45.72
N VAL L 15 3.97 -13.75 -44.75
CA VAL L 15 5.20 -14.44 -44.35
C VAL L 15 5.21 -15.82 -45.01
N ILE L 16 6.42 -16.32 -45.30
CA ILE L 16 6.56 -17.64 -45.92
C ILE L 16 7.82 -18.36 -45.40
N GLU L 32 11.42 -14.87 -46.91
CA GLU L 32 10.60 -14.89 -45.71
C GLU L 32 9.33 -14.04 -45.91
N MSE L 33 9.54 -12.79 -46.29
CA MSE L 33 8.44 -11.85 -46.51
C MSE L 33 8.09 -11.71 -47.99
O MSE L 33 8.95 -11.61 -48.85
CB MSE L 33 8.83 -10.46 -45.97
CG MSE L 33 9.06 -10.40 -44.46
SE MSE L 33 7.44 -10.78 -43.47
CE MSE L 33 6.45 -9.20 -43.96
N ARG L 34 6.79 -11.70 -48.28
CA ARG L 34 6.30 -11.56 -49.64
C ARG L 34 5.39 -10.34 -49.73
N TYR L 35 5.57 -9.52 -50.75
CA TYR L 35 4.76 -8.33 -50.92
C TYR L 35 4.00 -8.34 -52.23
N GLU L 36 2.71 -8.02 -52.15
CA GLU L 36 1.83 -8.01 -53.30
C GLU L 36 0.95 -6.78 -53.35
N ALA L 37 0.80 -6.22 -54.55
CA ALA L 37 -0.04 -5.06 -54.76
C ALA L 37 -0.95 -5.40 -55.93
N SER L 38 -2.23 -5.05 -55.81
CA SER L 38 -3.21 -5.32 -56.85
C SER L 38 -3.70 -4.02 -57.46
N PHE L 39 -3.78 -4.01 -58.79
CA PHE L 39 -4.22 -2.84 -59.54
C PHE L 39 -5.50 -3.17 -60.27
N ARG L 40 -6.45 -2.25 -60.24
CA ARG L 40 -7.72 -2.47 -60.91
C ARG L 40 -7.98 -1.43 -62.00
N PRO L 41 -8.50 -1.86 -63.16
CA PRO L 41 -8.78 -0.91 -64.24
C PRO L 41 -9.72 0.16 -63.69
N GLU L 42 -9.44 1.42 -63.99
CA GLU L 42 -10.28 2.51 -63.49
C GLU L 42 -11.77 2.22 -63.65
N ASN L 43 -12.13 1.65 -64.81
CA ASN L 43 -13.52 1.32 -65.09
C ASN L 43 -13.82 -0.12 -64.71
N GLY L 44 -13.50 -1.03 -65.63
CA GLY L 44 -13.75 -2.44 -65.42
C GLY L 44 -13.32 -3.04 -64.10
N GLY L 45 -12.96 -4.31 -64.15
CA GLY L 45 -12.54 -5.03 -62.96
C GLY L 45 -11.60 -6.15 -63.33
N LEU L 46 -11.31 -7.02 -62.38
CA LEU L 46 -10.39 -8.11 -62.65
C LEU L 46 -9.01 -7.51 -62.39
N GLU L 47 -8.79 -7.13 -61.14
CA GLU L 47 -7.51 -6.55 -60.76
C GLU L 47 -6.39 -7.55 -61.03
N VAL L 48 -5.17 -7.05 -61.23
CA VAL L 48 -4.04 -7.94 -61.47
C VAL L 48 -3.08 -7.80 -60.29
N VAL L 49 -2.53 -8.94 -59.87
CA VAL L 49 -1.61 -8.98 -58.74
C VAL L 49 -0.18 -9.07 -59.22
N PHE L 50 0.71 -8.35 -58.55
CA PHE L 50 2.13 -8.35 -58.88
C PHE L 50 2.95 -8.54 -57.62
N ARG L 51 4.01 -9.33 -57.72
CA ARG L 51 4.91 -9.54 -56.61
C ARG L 51 5.86 -8.36 -56.64
N LEU L 52 6.13 -7.77 -55.47
CA LEU L 52 7.03 -6.64 -55.38
C LEU L 52 7.98 -6.89 -54.22
N ASP L 53 9.08 -6.13 -54.14
CA ASP L 53 9.97 -6.27 -53.01
C ASP L 53 9.56 -5.16 -52.08
N ALA L 54 10.13 -5.15 -50.88
CA ALA L 54 9.77 -4.14 -49.88
C ALA L 54 9.77 -2.68 -50.34
N PRO L 55 10.93 -2.17 -50.81
CA PRO L 55 11.04 -0.78 -51.28
C PRO L 55 9.90 -0.38 -52.21
N GLN L 56 9.76 -1.14 -53.29
CA GLN L 56 8.73 -0.90 -54.28
C GLN L 56 7.33 -0.95 -53.64
N TYR L 57 7.10 -1.95 -52.80
CA TYR L 57 5.80 -2.10 -52.13
C TYR L 57 5.48 -0.92 -51.21
N HIS L 58 6.42 -0.56 -50.34
CA HIS L 58 6.18 0.55 -49.41
C HIS L 58 6.01 1.91 -50.09
N ALA L 59 6.37 2.01 -51.36
CA ALA L 59 6.22 3.27 -52.09
C ALA L 59 4.80 3.43 -52.63
N LEU L 60 4.07 2.32 -52.70
CA LEU L 60 2.70 2.34 -53.21
C LEU L 60 1.69 2.69 -52.13
N SER L 61 0.67 3.45 -52.51
CA SER L 61 -0.38 3.85 -51.59
C SER L 61 -1.74 3.37 -52.09
N VAL L 62 -2.31 2.40 -51.38
CA VAL L 62 -3.62 1.87 -51.75
C VAL L 62 -4.62 3.01 -51.99
N GLY L 63 -5.46 2.88 -53.01
CA GLY L 63 -6.43 3.90 -53.31
C GLY L 63 -5.95 4.88 -54.36
N ASP L 64 -4.65 4.90 -54.59
CA ASP L 64 -4.07 5.79 -55.60
C ASP L 64 -4.44 5.30 -57.00
N ARG L 65 -4.57 6.24 -57.92
CA ARG L 65 -4.87 5.92 -59.30
C ARG L 65 -3.76 6.57 -60.12
N GLY L 66 -3.29 5.87 -61.14
CA GLY L 66 -2.23 6.42 -61.97
C GLY L 66 -1.87 5.49 -63.11
N MSE L 67 -0.66 5.63 -63.64
CA MSE L 67 -0.21 4.82 -64.77
C MSE L 67 0.65 3.62 -64.36
O MSE L 67 1.76 3.78 -63.88
CB MSE L 67 0.61 5.68 -65.71
CG MSE L 67 0.76 5.10 -67.10
SE MSE L 67 -0.95 5.04 -68.03
CE MSE L 67 -1.29 6.95 -68.14
N LEU L 68 0.10 2.42 -64.56
CA LEU L 68 0.83 1.21 -64.26
C LEU L 68 1.64 0.81 -65.49
N SER L 69 2.87 0.39 -65.28
CA SER L 69 3.71 -0.03 -66.37
C SER L 69 4.10 -1.46 -66.03
N TYR L 70 3.99 -2.36 -66.99
CA TYR L 70 4.32 -3.76 -66.70
C TYR L 70 4.77 -4.56 -67.89
N LYS L 71 5.34 -5.73 -67.62
CA LYS L 71 5.80 -6.61 -68.67
C LYS L 71 5.35 -8.01 -68.27
N GLY L 72 4.19 -8.41 -68.76
CA GLY L 72 3.66 -9.70 -68.41
C GLY L 72 3.15 -9.59 -66.99
N THR L 73 3.66 -10.44 -66.11
CA THR L 73 3.26 -10.41 -64.71
C THR L 73 4.36 -9.69 -63.93
N ALA L 74 5.37 -9.20 -64.66
CA ALA L 74 6.49 -8.48 -64.08
C ALA L 74 6.19 -6.98 -63.96
N PHE L 75 6.23 -6.48 -62.75
CA PHE L 75 5.95 -5.08 -62.47
C PHE L 75 7.10 -4.22 -62.93
N VAL L 76 6.79 -3.07 -63.52
CA VAL L 76 7.85 -2.20 -63.98
C VAL L 76 7.79 -0.85 -63.29
N ALA L 77 6.57 -0.31 -63.14
CA ALA L 77 6.43 0.98 -62.49
C ALA L 77 4.98 1.39 -62.27
N PHE L 78 4.78 2.29 -61.31
CA PHE L 78 3.45 2.83 -61.08
C PHE L 78 3.60 4.30 -60.76
N THR L 79 3.10 5.13 -61.65
CA THR L 79 3.16 6.57 -61.49
C THR L 79 1.78 7.09 -61.13
N PRO L 80 1.60 7.53 -59.88
CA PRO L 80 0.29 8.04 -59.49
C PRO L 80 -0.05 9.33 -60.24
N ASP L 81 -1.28 9.46 -60.71
CA ASP L 81 -1.68 10.66 -61.44
C ASP L 81 -1.25 11.87 -60.61
N PRO L 82 -0.77 12.93 -61.26
CA PRO L 82 -0.32 14.14 -60.57
C PRO L 82 -1.50 14.97 -60.05
N LEU M 1 -13.22 -11.66 -22.88
CA LEU M 1 -11.92 -11.40 -23.58
C LEU M 1 -11.12 -12.70 -23.70
N LEU M 2 -10.91 -13.15 -24.95
CA LEU M 2 -10.16 -14.38 -25.21
C LEU M 2 -8.74 -14.06 -25.67
N GLN M 3 -7.85 -15.03 -25.53
CA GLN M 3 -6.46 -14.83 -25.94
C GLN M 3 -5.89 -16.08 -26.61
N LYS M 4 -4.96 -15.88 -27.53
CA LYS M 4 -4.37 -17.00 -28.23
C LYS M 4 -3.00 -16.63 -28.76
N ARG M 5 -2.04 -17.51 -28.51
CA ARG M 5 -0.67 -17.30 -28.97
C ARG M 5 -0.67 -17.59 -30.46
N VAL M 6 -0.37 -16.58 -31.27
CA VAL M 6 -0.37 -16.75 -32.71
C VAL M 6 0.80 -16.12 -33.44
N ILE M 7 0.85 -16.35 -34.73
CA ILE M 7 1.88 -15.78 -35.58
C ILE M 7 1.10 -14.92 -36.58
N VAL M 8 1.56 -13.72 -36.87
CA VAL M 8 0.83 -12.87 -37.80
C VAL M 8 1.14 -13.35 -39.22
N SER M 9 0.16 -14.04 -39.82
CA SER M 9 0.27 -14.62 -41.17
C SER M 9 0.43 -13.62 -42.30
N ASN M 10 -0.63 -12.85 -42.53
CA ASN M 10 -0.60 -11.85 -43.57
C ASN M 10 -1.38 -10.64 -43.13
N LYS M 11 -1.26 -9.59 -43.92
CA LYS M 11 -1.90 -8.32 -43.65
C LYS M 11 -2.35 -7.77 -44.99
N ARG M 12 -3.53 -7.17 -45.04
CA ARG M 12 -4.01 -6.60 -46.28
C ARG M 12 -4.72 -5.28 -46.08
N GLU M 13 -4.54 -4.39 -47.05
CA GLU M 13 -5.15 -3.08 -47.07
C GLU M 13 -5.88 -2.97 -48.42
N LYS M 14 -7.20 -3.06 -48.38
CA LYS M 14 -8.02 -3.01 -49.58
C LYS M 14 -8.85 -1.73 -49.65
N VAL M 15 -8.96 -1.16 -50.85
CA VAL M 15 -9.75 0.05 -51.04
C VAL M 15 -11.20 -0.34 -51.36
N ILE M 16 -12.14 0.50 -50.93
CA ILE M 16 -13.56 0.23 -51.19
C ILE M 16 -14.35 1.52 -51.37
N GLU M 32 -13.39 4.75 -46.58
CA GLU M 32 -12.83 4.54 -47.91
C GLU M 32 -11.77 3.44 -47.90
N MSE M 33 -11.07 3.32 -46.76
CA MSE M 33 -10.03 2.31 -46.60
C MSE M 33 -10.46 1.19 -45.65
O MSE M 33 -11.08 1.45 -44.63
CB MSE M 33 -8.75 2.95 -46.08
CG MSE M 33 -8.09 3.88 -47.07
SE MSE M 33 -7.49 2.93 -48.64
CE MSE M 33 -5.64 2.70 -48.16
N ARG M 34 -10.12 -0.03 -46.01
CA ARG M 34 -10.46 -1.18 -45.18
C ARG M 34 -9.18 -1.94 -44.83
N TYR M 35 -9.13 -2.52 -43.64
CA TYR M 35 -7.95 -3.25 -43.20
C TYR M 35 -8.25 -4.64 -42.64
N GLU M 36 -7.31 -5.54 -42.82
CA GLU M 36 -7.45 -6.91 -42.36
C GLU M 36 -6.10 -7.53 -42.02
N ALA M 37 -6.13 -8.54 -41.17
CA ALA M 37 -4.96 -9.25 -40.77
C ALA M 37 -5.41 -10.67 -40.43
N SER M 38 -4.55 -11.64 -40.74
CA SER M 38 -4.87 -13.02 -40.45
C SER M 38 -3.87 -13.58 -39.44
N PHE M 39 -4.40 -14.22 -38.42
CA PHE M 39 -3.56 -14.77 -37.38
C PHE M 39 -3.66 -16.27 -37.36
N ARG M 40 -2.52 -16.92 -37.27
CA ARG M 40 -2.44 -18.38 -37.27
C ARG M 40 -1.93 -18.91 -35.93
N PRO M 41 -2.74 -19.73 -35.25
CA PRO M 41 -2.35 -20.29 -33.95
C PRO M 41 -0.99 -20.98 -34.07
N GLU M 42 -0.13 -20.79 -33.07
CA GLU M 42 1.19 -21.40 -33.12
C GLU M 42 1.11 -22.89 -32.78
N ASN M 43 0.11 -23.25 -31.98
CA ASN M 43 -0.10 -24.64 -31.58
C ASN M 43 -1.47 -25.13 -32.04
N GLY M 44 -2.08 -24.37 -32.95
CA GLY M 44 -3.38 -24.73 -33.47
C GLY M 44 -3.41 -24.56 -34.98
N GLY M 45 -4.59 -24.71 -35.57
CA GLY M 45 -4.72 -24.57 -37.02
C GLY M 45 -5.92 -23.75 -37.45
N LEU M 46 -6.02 -23.49 -38.74
CA LEU M 46 -7.13 -22.72 -39.25
C LEU M 46 -6.99 -21.27 -38.85
N GLU M 47 -6.03 -20.58 -39.45
CA GLU M 47 -5.79 -19.18 -39.14
C GLU M 47 -7.09 -18.39 -39.21
N VAL M 48 -7.25 -17.45 -38.27
CA VAL M 48 -8.44 -16.62 -38.20
C VAL M 48 -8.15 -15.23 -38.77
N VAL M 49 -9.19 -14.56 -39.27
CA VAL M 49 -9.04 -13.24 -39.84
C VAL M 49 -9.88 -12.22 -39.09
N PHE M 50 -9.28 -11.05 -38.87
CA PHE M 50 -9.95 -9.97 -38.16
C PHE M 50 -9.80 -8.71 -38.98
N ARG M 51 -10.76 -7.80 -38.82
CA ARG M 51 -10.73 -6.52 -39.50
C ARG M 51 -10.24 -5.51 -38.49
N LEU M 52 -9.41 -4.56 -38.91
CA LEU M 52 -8.91 -3.56 -37.96
C LEU M 52 -8.94 -2.16 -38.49
N ASP M 53 -8.64 -1.21 -37.61
CA ASP M 53 -8.60 0.19 -37.98
C ASP M 53 -7.19 0.45 -38.44
N ALA M 54 -6.96 1.58 -39.10
CA ALA M 54 -5.64 1.90 -39.63
C ALA M 54 -4.51 1.77 -38.61
N PRO M 55 -4.68 2.36 -37.42
CA PRO M 55 -3.65 2.29 -36.36
C PRO M 55 -3.24 0.88 -35.93
N GLN M 56 -4.21 -0.02 -35.79
CA GLN M 56 -3.91 -1.39 -35.38
C GLN M 56 -3.18 -2.11 -36.49
N TYR M 57 -3.49 -1.73 -37.72
CA TYR M 57 -2.91 -2.31 -38.92
C TYR M 57 -1.44 -1.98 -39.07
N HIS M 58 -1.08 -0.72 -38.82
CA HIS M 58 0.32 -0.32 -38.95
C HIS M 58 1.15 -0.77 -37.78
N ALA M 59 0.49 -1.11 -36.67
CA ALA M 59 1.24 -1.57 -35.52
C ALA M 59 1.73 -2.99 -35.79
N LEU M 60 0.89 -3.83 -36.41
CA LEU M 60 1.25 -5.21 -36.72
C LEU M 60 2.45 -5.40 -37.65
N SER M 61 3.28 -6.39 -37.32
CA SER M 61 4.43 -6.73 -38.13
C SER M 61 4.22 -8.17 -38.55
N VAL M 62 4.00 -8.39 -39.85
CA VAL M 62 3.78 -9.71 -40.37
C VAL M 62 4.98 -10.62 -40.08
N GLY M 63 4.69 -11.81 -39.56
CA GLY M 63 5.76 -12.74 -39.23
C GLY M 63 5.99 -12.79 -37.74
N ASP M 64 5.49 -11.81 -37.02
CA ASP M 64 5.66 -11.75 -35.57
C ASP M 64 4.92 -12.83 -34.79
N ARG M 65 5.55 -13.30 -33.73
CA ARG M 65 4.92 -14.28 -32.84
C ARG M 65 4.45 -13.48 -31.62
N GLY M 66 3.26 -13.77 -31.13
CA GLY M 66 2.78 -13.04 -29.98
C GLY M 66 1.42 -13.49 -29.45
N MSE M 67 0.80 -12.61 -28.67
CA MSE M 67 -0.48 -12.90 -28.07
C MSE M 67 -1.59 -12.09 -28.70
O MSE M 67 -1.54 -10.85 -28.69
CB MSE M 67 -0.41 -12.60 -26.57
CG MSE M 67 -1.50 -13.26 -25.72
SE MSE M 67 -1.40 -15.22 -25.76
CE MSE M 67 0.12 -15.54 -24.59
N LEU M 68 -2.59 -12.77 -29.25
CA LEU M 68 -3.75 -12.11 -29.84
C LEU M 68 -4.86 -12.07 -28.82
N SER M 69 -5.52 -10.93 -28.70
CA SER M 69 -6.62 -10.75 -27.77
C SER M 69 -7.84 -10.31 -28.57
N TYR M 70 -8.97 -10.97 -28.36
CA TYR M 70 -10.17 -10.65 -29.11
C TYR M 70 -11.44 -11.03 -28.36
N LYS M 71 -12.56 -10.61 -28.94
CA LYS M 71 -13.87 -10.93 -28.40
C LYS M 71 -14.69 -11.40 -29.59
N GLY M 72 -14.85 -12.71 -29.72
CA GLY M 72 -15.62 -13.26 -30.83
C GLY M 72 -14.94 -12.92 -32.13
N THR M 73 -15.57 -12.05 -32.93
CA THR M 73 -14.97 -11.67 -34.20
C THR M 73 -14.30 -10.30 -34.13
N ALA M 74 -14.37 -9.67 -32.97
CA ALA M 74 -13.75 -8.35 -32.78
C ALA M 74 -12.30 -8.54 -32.35
N PHE M 75 -11.44 -7.64 -32.80
CA PHE M 75 -10.02 -7.66 -32.48
C PHE M 75 -9.76 -6.66 -31.36
N VAL M 76 -9.10 -7.11 -30.30
CA VAL M 76 -8.80 -6.22 -29.19
C VAL M 76 -7.38 -5.69 -29.32
N ALA M 77 -6.42 -6.60 -29.49
CA ALA M 77 -5.03 -6.20 -29.63
C ALA M 77 -4.14 -7.39 -29.91
N PHE M 78 -2.93 -7.10 -30.36
CA PHE M 78 -1.93 -8.14 -30.61
C PHE M 78 -0.65 -7.66 -29.93
N THR M 79 -0.10 -8.50 -29.06
CA THR M 79 1.10 -8.13 -28.35
C THR M 79 2.21 -9.03 -28.79
N PRO M 80 3.25 -8.48 -29.44
CA PRO M 80 4.36 -9.32 -29.89
C PRO M 80 5.29 -9.71 -28.75
N ASP M 81 5.83 -10.92 -28.84
CA ASP M 81 6.74 -11.42 -27.84
C ASP M 81 7.98 -10.55 -27.85
N PRO M 82 8.54 -10.25 -26.67
CA PRO M 82 9.76 -9.44 -26.63
C PRO M 82 10.86 -10.26 -27.28
N LEU N 1 -1.86 -43.78 0.29
CA LEU N 1 -1.51 -42.65 1.20
C LEU N 1 -0.28 -42.93 2.01
N LEU N 2 0.58 -41.92 2.15
CA LEU N 2 1.80 -42.03 2.91
C LEU N 2 1.67 -41.18 4.16
N GLN N 3 2.44 -41.50 5.19
CA GLN N 3 2.41 -40.73 6.43
C GLN N 3 3.83 -40.40 6.88
N LYS N 4 3.95 -39.56 7.91
CA LYS N 4 5.25 -39.17 8.43
C LYS N 4 5.18 -38.40 9.75
N ARG N 5 6.05 -38.73 10.69
CA ARG N 5 6.04 -38.04 11.97
C ARG N 5 6.82 -36.74 11.82
N VAL N 6 6.12 -35.63 11.99
CA VAL N 6 6.73 -34.33 11.84
C VAL N 6 6.28 -33.34 12.90
N ILE N 7 6.74 -32.10 12.71
CA ILE N 7 6.42 -30.99 13.58
C ILE N 7 6.01 -29.83 12.69
N VAL N 8 4.94 -29.13 13.08
CA VAL N 8 4.46 -27.98 12.34
C VAL N 8 5.50 -26.91 12.55
N SER N 9 6.25 -26.60 11.50
CA SER N 9 7.32 -25.61 11.57
C SER N 9 6.88 -24.18 11.31
N ASN N 10 5.91 -24.01 10.43
CA ASN N 10 5.45 -22.67 10.12
C ASN N 10 4.06 -22.63 9.49
N LYS N 11 3.39 -21.49 9.63
CA LYS N 11 2.06 -21.30 9.08
C LYS N 11 1.98 -19.92 8.43
N ARG N 12 1.25 -19.81 7.33
CA ARG N 12 1.11 -18.51 6.66
C ARG N 12 -0.25 -18.27 6.00
N GLU N 13 -0.79 -17.07 6.21
CA GLU N 13 -2.05 -16.69 5.59
C GLU N 13 -1.69 -15.59 4.60
N LYS N 14 -2.24 -15.66 3.39
CA LYS N 14 -1.97 -14.64 2.37
C LYS N 14 -3.27 -14.36 1.62
N VAL N 15 -3.47 -13.11 1.20
CA VAL N 15 -4.67 -12.75 0.45
C VAL N 15 -4.24 -12.11 -0.87
N ILE N 16 -4.72 -12.65 -1.98
CA ILE N 16 -4.39 -12.09 -3.28
C ILE N 16 -5.59 -11.97 -4.20
N ASN N 17 -5.33 -11.38 -5.35
CA ASN N 17 -6.34 -11.19 -6.37
C ASN N 17 -6.04 -12.13 -7.54
N ASP N 18 -6.92 -13.11 -7.77
CA ASP N 18 -6.77 -14.07 -8.87
C ASP N 18 -5.79 -15.19 -8.52
N GLU N 32 -8.89 -15.68 -3.07
CA GLU N 32 -8.75 -14.56 -2.15
C GLU N 32 -7.79 -14.89 -1.00
N MSE N 33 -8.18 -15.81 -0.13
CA MSE N 33 -7.34 -16.24 0.99
C MSE N 33 -6.54 -17.47 0.59
O MSE N 33 -7.07 -18.38 -0.06
CB MSE N 33 -8.18 -16.58 2.21
CG MSE N 33 -8.78 -15.40 2.92
SE MSE N 33 -7.45 -14.26 3.74
CE MSE N 33 -6.79 -15.47 5.10
N ARG N 34 -5.28 -17.52 0.95
CA ARG N 34 -4.45 -18.66 0.64
C ARG N 34 -3.79 -19.11 1.94
N TYR N 35 -3.95 -20.38 2.27
CA TYR N 35 -3.37 -20.92 3.49
C TYR N 35 -2.32 -21.98 3.17
N GLU N 36 -1.22 -21.95 3.90
CA GLU N 36 -0.18 -22.95 3.71
C GLU N 36 0.42 -23.22 5.08
N ALA N 37 1.21 -24.28 5.16
CA ALA N 37 1.86 -24.63 6.41
C ALA N 37 3.06 -25.51 6.08
N SER N 38 4.08 -25.45 6.93
CA SER N 38 5.29 -26.23 6.71
C SER N 38 5.39 -27.28 7.80
N PHE N 39 5.94 -28.43 7.46
CA PHE N 39 6.09 -29.54 8.39
C PHE N 39 7.52 -30.04 8.26
N ARG N 40 8.13 -30.33 9.39
CA ARG N 40 9.51 -30.78 9.40
C ARG N 40 9.63 -32.15 10.03
N PRO N 41 10.11 -33.14 9.26
CA PRO N 41 10.28 -34.51 9.73
C PRO N 41 10.94 -34.60 11.10
N GLY N 45 15.31 -32.82 9.21
CA GLY N 45 14.99 -31.51 8.68
C GLY N 45 14.18 -31.58 7.41
N LEU N 46 14.57 -30.80 6.40
CA LEU N 46 13.85 -30.80 5.13
C LEU N 46 12.43 -30.26 5.28
N GLU N 47 12.27 -28.94 5.23
CA GLU N 47 10.95 -28.33 5.34
C GLU N 47 10.06 -28.61 4.13
N VAL N 48 8.85 -29.06 4.43
CA VAL N 48 7.86 -29.36 3.39
C VAL N 48 6.66 -28.43 3.57
N VAL N 49 6.25 -27.78 2.49
CA VAL N 49 5.11 -26.85 2.52
C VAL N 49 3.87 -27.42 1.82
N PHE N 50 2.70 -27.10 2.36
CA PHE N 50 1.43 -27.58 1.78
C PHE N 50 0.37 -26.50 1.78
N ARG N 51 -0.35 -26.37 0.67
CA ARG N 51 -1.46 -25.41 0.62
C ARG N 51 -2.54 -26.09 1.46
N LEU N 52 -3.29 -25.34 2.23
CA LEU N 52 -4.34 -25.92 3.05
C LEU N 52 -5.63 -25.16 2.91
N ASP N 53 -6.71 -25.74 3.42
CA ASP N 53 -7.99 -25.05 3.40
C ASP N 53 -8.12 -24.52 4.83
N ALA N 54 -8.90 -23.47 5.00
CA ALA N 54 -9.08 -22.84 6.30
C ALA N 54 -9.22 -23.75 7.53
N PRO N 55 -10.19 -24.68 7.51
CA PRO N 55 -10.40 -25.60 8.65
C PRO N 55 -9.17 -26.40 9.07
N GLN N 56 -8.42 -26.89 8.10
CA GLN N 56 -7.23 -27.67 8.42
C GLN N 56 -6.14 -26.77 8.96
N TYR N 57 -6.04 -25.57 8.39
CA TYR N 57 -5.06 -24.57 8.79
C TYR N 57 -5.36 -24.08 10.20
N HIS N 58 -6.62 -23.80 10.50
CA HIS N 58 -6.96 -23.32 11.83
C HIS N 58 -6.78 -24.41 12.89
N ALA N 59 -6.82 -25.67 12.49
CA ALA N 59 -6.64 -26.76 13.44
C ALA N 59 -5.17 -26.87 13.83
N LEU N 60 -4.27 -26.64 12.88
CA LEU N 60 -2.84 -26.72 13.12
C LEU N 60 -2.35 -25.71 14.14
N SER N 61 -1.29 -26.07 14.85
CA SER N 61 -0.69 -25.21 15.86
C SER N 61 0.83 -25.28 15.72
N VAL N 62 1.43 -24.20 15.24
CA VAL N 62 2.89 -24.17 15.06
C VAL N 62 3.60 -24.68 16.30
N GLY N 63 4.40 -25.72 16.12
CA GLY N 63 5.11 -26.29 17.25
C GLY N 63 4.72 -27.73 17.56
N ASP N 64 3.46 -28.08 17.31
CA ASP N 64 2.98 -29.43 17.59
C ASP N 64 3.73 -30.48 16.76
N ARG N 65 3.82 -31.67 17.32
CA ARG N 65 4.46 -32.78 16.64
C ARG N 65 3.32 -33.74 16.35
N GLY N 66 3.36 -34.39 15.19
CA GLY N 66 2.30 -35.31 14.85
C GLY N 66 2.58 -36.13 13.62
N MSE N 67 1.53 -36.79 13.15
CA MSE N 67 1.61 -37.64 11.97
C MSE N 67 0.95 -36.96 10.77
O MSE N 67 -0.23 -36.55 10.84
CB MSE N 67 0.95 -38.98 12.27
CG MSE N 67 0.87 -39.91 11.08
SE MSE N 67 0.59 -41.75 11.61
CE MSE N 67 -1.31 -41.68 11.95
N LEU N 68 1.70 -36.83 9.69
CA LEU N 68 1.20 -36.20 8.48
C LEU N 68 0.68 -37.25 7.49
N SER N 69 -0.38 -36.90 6.77
CA SER N 69 -0.94 -37.79 5.75
C SER N 69 -0.93 -36.97 4.48
N TYR N 70 -0.27 -37.47 3.45
CA TYR N 70 -0.20 -36.73 2.20
C TYR N 70 -0.23 -37.60 0.96
N LYS N 71 -0.20 -36.92 -0.19
CA LYS N 71 -0.18 -37.54 -1.51
C LYS N 71 0.44 -36.51 -2.43
N GLY N 72 1.68 -36.75 -2.84
CA GLY N 72 2.36 -35.79 -3.68
C GLY N 72 2.40 -34.45 -2.97
N THR N 73 1.97 -33.39 -3.64
CA THR N 73 1.97 -32.06 -3.06
C THR N 73 0.65 -31.81 -2.34
N ALA N 74 -0.17 -32.84 -2.24
CA ALA N 74 -1.48 -32.70 -1.60
C ALA N 74 -1.47 -33.12 -0.14
N PHE N 75 -2.01 -32.26 0.71
CA PHE N 75 -2.12 -32.54 2.13
C PHE N 75 -3.47 -33.21 2.37
N VAL N 76 -3.44 -34.34 3.08
CA VAL N 76 -4.66 -35.07 3.36
C VAL N 76 -5.15 -34.88 4.78
N ALA N 77 -4.25 -34.92 5.74
CA ALA N 77 -4.65 -34.73 7.13
C ALA N 77 -3.45 -34.63 8.07
N PHE N 78 -3.68 -34.11 9.26
CA PHE N 78 -2.63 -34.03 10.28
C PHE N 78 -3.22 -34.40 11.63
N THR N 79 -2.53 -35.30 12.33
CA THR N 79 -2.98 -35.73 13.65
C THR N 79 -1.92 -35.32 14.66
N PRO N 80 -2.26 -34.33 15.48
CA PRO N 80 -1.31 -33.87 16.50
C PRO N 80 -1.20 -34.94 17.55
N ASP N 81 0.02 -35.24 17.96
CA ASP N 81 0.20 -36.26 18.98
C ASP N 81 1.25 -35.86 20.00
N PRO N 82 0.80 -35.28 21.14
CA PRO N 82 1.66 -34.83 22.24
C PRO N 82 2.08 -35.95 23.20
N LEU O 1 2.59 40.01 -17.60
CA LEU O 1 3.80 39.21 -17.98
C LEU O 1 3.53 38.53 -19.32
N LEU O 2 2.90 37.37 -19.29
CA LEU O 2 2.56 36.63 -20.50
C LEU O 2 1.15 37.01 -20.88
N GLN O 3 0.83 36.90 -22.17
CA GLN O 3 -0.50 37.23 -22.66
C GLN O 3 -0.89 36.30 -23.78
N LYS O 4 -2.19 36.03 -23.88
CA LYS O 4 -2.69 35.17 -24.93
C LYS O 4 -4.07 35.71 -25.23
N ARG O 5 -4.45 35.68 -26.49
CA ARG O 5 -5.77 36.16 -26.89
C ARG O 5 -6.74 35.01 -26.62
N VAL O 6 -7.85 35.30 -25.94
CA VAL O 6 -8.80 34.24 -25.64
C VAL O 6 -10.25 34.70 -25.65
N ILE O 7 -11.11 33.82 -25.17
CA ILE O 7 -12.52 34.10 -25.06
C ILE O 7 -12.94 33.65 -23.66
N VAL O 8 -13.80 34.43 -23.02
CA VAL O 8 -14.25 34.06 -21.68
C VAL O 8 -15.35 33.00 -21.87
N SER O 9 -15.05 31.76 -21.47
CA SER O 9 -15.97 30.65 -21.62
C SER O 9 -17.05 30.64 -20.55
N ASN O 10 -16.62 30.77 -19.30
CA ASN O 10 -17.59 30.76 -18.22
C ASN O 10 -17.08 31.37 -16.92
N LYS O 11 -18.04 31.72 -16.07
CA LYS O 11 -17.77 32.29 -14.76
C LYS O 11 -18.46 31.39 -13.76
N ARG O 12 -17.80 31.13 -12.64
CA ARG O 12 -18.35 30.29 -11.60
C ARG O 12 -18.11 30.98 -10.25
N GLU O 13 -19.15 31.01 -9.42
CA GLU O 13 -19.09 31.61 -8.10
C GLU O 13 -19.77 30.68 -7.10
N LYS O 14 -19.06 30.34 -6.02
CA LYS O 14 -19.63 29.46 -5.01
C LYS O 14 -19.34 29.93 -3.60
N VAL O 15 -20.02 29.34 -2.63
CA VAL O 15 -19.83 29.70 -1.24
C VAL O 15 -19.34 28.48 -0.48
N ILE O 16 -18.46 28.67 0.48
CA ILE O 16 -17.91 27.56 1.25
C ILE O 16 -17.60 28.01 2.65
N ASN O 17 -17.26 27.05 3.50
CA ASN O 17 -16.87 27.32 4.88
C ASN O 17 -15.36 27.14 4.87
N ASP O 18 -14.67 28.12 4.31
CA ASP O 18 -13.21 28.09 4.18
C ASP O 18 -12.53 28.11 5.55
N ARG O 19 -11.72 27.09 5.81
CA ARG O 19 -10.99 27.01 7.07
C ARG O 19 -9.91 25.95 7.06
N GLU O 32 -15.66 32.90 2.31
CA GLU O 32 -16.88 32.16 2.01
C GLU O 32 -17.24 32.26 0.53
N MSE O 33 -16.81 33.34 -0.12
CA MSE O 33 -17.09 33.52 -1.53
C MSE O 33 -15.87 33.23 -2.41
O MSE O 33 -14.83 33.86 -2.29
CB MSE O 33 -17.58 34.96 -1.81
CG MSE O 33 -18.91 35.31 -1.14
SE MSE O 33 -20.44 34.32 -1.83
CE MSE O 33 -21.13 35.64 -3.07
N ARG O 34 -16.03 32.24 -3.28
CA ARG O 34 -14.98 31.83 -4.20
C ARG O 34 -15.44 32.14 -5.62
N TYR O 35 -14.62 32.89 -6.37
CA TYR O 35 -14.96 33.27 -7.75
C TYR O 35 -13.92 32.72 -8.70
N GLU O 36 -14.37 32.25 -9.86
CA GLU O 36 -13.44 31.74 -10.86
C GLU O 36 -14.02 31.91 -12.27
N ALA O 37 -13.13 32.02 -13.25
CA ALA O 37 -13.58 32.17 -14.62
C ALA O 37 -12.71 31.32 -15.54
N SER O 38 -13.29 30.86 -16.64
CA SER O 38 -12.56 30.04 -17.60
C SER O 38 -12.44 30.73 -18.95
N PHE O 39 -11.25 30.66 -19.52
CA PHE O 39 -10.94 31.26 -20.80
C PHE O 39 -10.35 30.16 -21.69
N ARG O 40 -10.70 30.17 -22.97
CA ARG O 40 -10.15 29.18 -23.88
C ARG O 40 -9.54 29.90 -25.07
N PRO O 41 -8.25 29.65 -25.33
CA PRO O 41 -7.57 30.31 -26.46
C PRO O 41 -8.33 30.13 -27.76
N GLU O 42 -8.68 31.26 -28.37
CA GLU O 42 -9.42 31.35 -29.63
C GLU O 42 -9.15 30.30 -30.72
N ASN O 43 -8.06 29.54 -30.59
CA ASN O 43 -7.74 28.53 -31.60
C ASN O 43 -7.28 27.23 -30.92
N GLY O 44 -7.86 26.95 -29.75
CA GLY O 44 -7.51 25.76 -29.01
C GLY O 44 -8.55 25.44 -27.95
N GLY O 45 -9.41 24.47 -28.27
CA GLY O 45 -10.47 24.07 -27.35
C GLY O 45 -10.10 24.02 -25.87
N LEU O 46 -8.83 23.76 -25.58
CA LEU O 46 -8.38 23.68 -24.21
C LEU O 46 -8.62 24.97 -23.43
N GLU O 47 -9.42 24.89 -22.38
CA GLU O 47 -9.73 26.05 -21.56
C GLU O 47 -8.88 26.13 -20.29
N VAL O 48 -8.68 27.34 -19.79
CA VAL O 48 -7.90 27.59 -18.59
C VAL O 48 -8.78 28.15 -17.49
N VAL O 49 -8.53 27.69 -16.26
CA VAL O 49 -9.30 28.14 -15.11
C VAL O 49 -8.50 29.07 -14.21
N PHE O 50 -9.16 30.12 -13.73
CA PHE O 50 -8.51 31.11 -12.87
C PHE O 50 -9.39 31.47 -11.69
N ARG O 51 -8.80 31.46 -10.50
CA ARG O 51 -9.54 31.86 -9.31
C ARG O 51 -9.42 33.38 -9.34
N LEU O 52 -10.50 34.07 -8.99
CA LEU O 52 -10.49 35.52 -9.02
C LEU O 52 -11.06 36.12 -7.74
N ASP O 53 -10.74 37.39 -7.47
CA ASP O 53 -11.31 38.04 -6.33
C ASP O 53 -12.59 38.63 -6.89
N ALA O 54 -13.41 39.23 -6.05
CA ALA O 54 -14.69 39.79 -6.49
C ALA O 54 -14.64 40.78 -7.67
N PRO O 55 -13.83 41.85 -7.55
CA PRO O 55 -13.74 42.84 -8.64
C PRO O 55 -13.48 42.26 -10.03
N GLN O 56 -12.41 41.48 -10.15
CA GLN O 56 -12.03 40.85 -11.42
C GLN O 56 -13.18 40.04 -11.97
N TYR O 57 -13.81 39.24 -11.12
CA TYR O 57 -14.93 38.41 -11.54
C TYR O 57 -16.12 39.25 -12.03
N HIS O 58 -16.45 40.32 -11.32
CA HIS O 58 -17.56 41.15 -11.74
C HIS O 58 -17.26 41.94 -13.02
N ALA O 59 -15.99 42.26 -13.24
CA ALA O 59 -15.58 42.99 -14.44
C ALA O 59 -15.80 42.17 -15.70
N LEU O 60 -15.66 40.85 -15.58
CA LEU O 60 -15.81 39.96 -16.72
C LEU O 60 -17.23 39.68 -17.15
N SER O 61 -17.37 39.34 -18.43
CA SER O 61 -18.65 38.98 -19.03
C SER O 61 -18.37 37.83 -20.00
N VAL O 62 -19.11 36.74 -19.85
CA VAL O 62 -18.95 35.58 -20.69
C VAL O 62 -19.22 35.92 -22.16
N GLY O 63 -18.42 35.36 -23.06
CA GLY O 63 -18.62 35.62 -24.48
C GLY O 63 -17.70 36.69 -25.05
N ASP O 64 -16.92 37.35 -24.20
CA ASP O 64 -16.00 38.37 -24.68
C ASP O 64 -14.70 37.73 -25.18
N ARG O 65 -14.21 38.22 -26.31
CA ARG O 65 -12.94 37.75 -26.87
C ARG O 65 -11.99 38.89 -26.58
N GLY O 66 -10.81 38.57 -26.05
CA GLY O 66 -9.86 39.62 -25.73
C GLY O 66 -8.50 39.09 -25.38
N MSE O 67 -7.69 39.95 -24.77
CA MSE O 67 -6.34 39.58 -24.37
C MSE O 67 -6.30 39.24 -22.90
O MSE O 67 -6.66 40.06 -22.05
CB MSE O 67 -5.38 40.73 -24.66
CG MSE O 67 -3.90 40.33 -24.59
SE MSE O 67 -3.35 39.18 -26.06
CE MSE O 67 -2.47 40.50 -27.17
N LEU O 68 -5.83 38.03 -22.58
CA LEU O 68 -5.71 37.62 -21.20
C LEU O 68 -4.28 37.88 -20.78
N SER O 69 -4.10 38.39 -19.57
CA SER O 69 -2.79 38.69 -19.05
C SER O 69 -2.60 37.93 -17.74
N TYR O 70 -1.59 37.07 -17.71
CA TYR O 70 -1.33 36.28 -16.52
C TYR O 70 0.14 36.16 -16.15
N LYS O 71 0.36 35.47 -15.03
CA LYS O 71 1.69 35.19 -14.51
C LYS O 71 1.50 33.86 -13.81
N GLY O 72 1.63 32.78 -14.57
CA GLY O 72 1.43 31.46 -14.01
C GLY O 72 -0.05 31.25 -13.74
N THR O 73 -0.39 30.99 -12.49
CA THR O 73 -1.79 30.78 -12.09
C THR O 73 -2.42 32.06 -11.58
N ALA O 74 -1.66 33.15 -11.58
CA ALA O 74 -2.19 34.42 -11.13
C ALA O 74 -2.76 35.23 -12.31
N PHE O 75 -4.01 35.61 -12.18
CA PHE O 75 -4.68 36.39 -13.20
C PHE O 75 -4.29 37.83 -13.00
N VAL O 76 -3.88 38.50 -14.08
CA VAL O 76 -3.49 39.89 -13.99
C VAL O 76 -4.56 40.79 -14.58
N ALA O 77 -5.04 40.46 -15.77
CA ALA O 77 -6.08 41.27 -16.40
C ALA O 77 -6.65 40.62 -17.65
N PHE O 78 -7.82 41.11 -18.04
CA PHE O 78 -8.48 40.64 -19.25
C PHE O 78 -9.02 41.88 -19.97
N THR O 79 -8.64 42.07 -21.23
CA THR O 79 -9.07 43.24 -21.97
C THR O 79 -9.93 42.89 -23.19
N PRO O 80 -11.25 43.10 -23.10
CA PRO O 80 -12.10 42.77 -24.25
C PRO O 80 -11.77 43.56 -25.51
N ASP O 81 -11.95 42.93 -26.66
CA ASP O 81 -11.71 43.55 -27.95
C ASP O 81 -12.77 44.62 -28.25
N PRO O 82 -12.50 45.48 -29.23
CA PRO O 82 -13.43 46.56 -29.61
C PRO O 82 -14.79 46.00 -30.05
N LEU P 1 -46.16 22.11 -8.19
CA LEU P 1 -45.30 23.21 -7.69
C LEU P 1 -44.94 22.99 -6.22
N LEU P 2 -43.80 22.35 -5.99
CA LEU P 2 -43.33 22.07 -4.62
C LEU P 2 -42.40 23.17 -4.10
N GLN P 3 -42.02 23.05 -2.84
CA GLN P 3 -41.13 24.02 -2.21
C GLN P 3 -40.11 23.33 -1.30
N LYS P 4 -39.10 24.09 -0.87
CA LYS P 4 -38.06 23.52 -0.03
C LYS P 4 -37.05 24.57 0.44
N ARG P 5 -36.76 24.56 1.75
CA ARG P 5 -35.80 25.51 2.29
C ARG P 5 -34.39 25.12 1.81
N VAL P 6 -33.70 26.07 1.19
CA VAL P 6 -32.35 25.80 0.69
C VAL P 6 -31.38 26.96 0.88
N ILE P 7 -30.23 26.81 0.24
CA ILE P 7 -29.18 27.83 0.26
C ILE P 7 -28.51 27.74 -1.11
N VAL P 8 -28.27 28.90 -1.72
CA VAL P 8 -27.64 28.98 -3.02
C VAL P 8 -26.16 28.62 -2.88
N SER P 9 -25.82 27.37 -3.21
CA SER P 9 -24.46 26.90 -3.10
C SER P 9 -23.54 27.52 -4.15
N ASN P 10 -23.97 27.57 -5.40
CA ASN P 10 -23.14 28.20 -6.43
C ASN P 10 -23.92 28.63 -7.67
N LYS P 11 -23.28 29.48 -8.47
CA LYS P 11 -23.89 30.01 -9.69
C LYS P 11 -22.87 29.89 -10.83
N ARG P 12 -23.34 29.50 -12.00
CA ARG P 12 -22.46 29.36 -13.16
C ARG P 12 -23.11 29.86 -14.44
N GLU P 13 -22.30 30.51 -15.27
CA GLU P 13 -22.74 31.06 -16.55
C GLU P 13 -21.72 30.61 -17.59
N LYS P 14 -22.20 30.05 -18.70
CA LYS P 14 -21.29 29.57 -19.73
C LYS P 14 -21.74 30.01 -21.12
N VAL P 15 -20.79 30.17 -22.03
CA VAL P 15 -21.11 30.58 -23.39
C VAL P 15 -21.48 29.36 -24.25
N MSE P 33 -25.53 31.39 -24.36
CA MSE P 33 -25.54 31.82 -22.96
C MSE P 33 -26.46 30.96 -22.10
O MSE P 33 -27.68 31.12 -22.11
CB MSE P 33 -26.00 33.27 -22.88
CG MSE P 33 -24.98 34.26 -23.40
SE MSE P 33 -23.39 34.35 -22.28
CE MSE P 33 -23.86 35.94 -21.30
N ARG P 34 -25.85 30.04 -21.35
CA ARG P 34 -26.61 29.15 -20.48
C ARG P 34 -26.31 29.41 -19.02
N TYR P 35 -27.35 29.79 -18.27
CA TYR P 35 -27.22 30.08 -16.85
C TYR P 35 -27.67 28.90 -16.00
N GLU P 36 -26.97 28.64 -14.90
CA GLU P 36 -27.30 27.54 -14.01
C GLU P 36 -27.06 27.91 -12.55
N ALA P 37 -27.73 27.21 -11.65
CA ALA P 37 -27.57 27.45 -10.22
C ALA P 37 -27.85 26.19 -9.41
N SER P 38 -27.17 26.04 -8.29
CA SER P 38 -27.35 24.89 -7.43
C SER P 38 -27.78 25.33 -6.05
N PHE P 39 -28.82 24.69 -5.54
CA PHE P 39 -29.33 25.02 -4.23
C PHE P 39 -29.28 23.74 -3.39
N ARG P 40 -28.85 23.84 -2.16
CA ARG P 40 -28.79 22.68 -1.29
C ARG P 40 -29.70 22.83 -0.07
N PRO P 41 -30.52 21.81 0.20
CA PRO P 41 -31.45 21.79 1.33
C PRO P 41 -30.77 22.04 2.66
N GLU P 42 -31.32 22.96 3.46
CA GLU P 42 -30.76 23.28 4.76
C GLU P 42 -30.77 22.08 5.70
N ASN P 43 -31.89 21.35 5.70
CA ASN P 43 -32.02 20.19 6.55
C ASN P 43 -31.27 19.00 5.95
N GLY P 44 -31.95 18.24 5.09
CA GLY P 44 -31.33 17.10 4.47
C GLY P 44 -30.21 17.45 3.53
N GLY P 45 -30.06 16.69 2.46
CA GLY P 45 -29.02 16.94 1.49
C GLY P 45 -29.51 16.81 0.07
N LEU P 46 -28.64 16.32 -0.82
CA LEU P 46 -29.00 16.15 -2.23
C LEU P 46 -29.33 17.50 -2.85
N GLU P 47 -28.34 18.09 -3.52
CA GLU P 47 -28.52 19.40 -4.17
C GLU P 47 -29.22 19.25 -5.50
N VAL P 48 -29.58 20.38 -6.08
CA VAL P 48 -30.27 20.40 -7.37
C VAL P 48 -29.82 21.59 -8.22
N VAL P 49 -29.84 21.41 -9.53
CA VAL P 49 -29.44 22.44 -10.47
C VAL P 49 -30.61 22.80 -11.36
N PHE P 50 -30.63 24.03 -11.85
CA PHE P 50 -31.70 24.49 -12.71
C PHE P 50 -31.16 25.41 -13.80
N ARG P 51 -31.68 25.25 -15.01
CA ARG P 51 -31.27 26.11 -16.11
C ARG P 51 -32.10 27.37 -15.86
N LEU P 52 -31.46 28.53 -15.93
CA LEU P 52 -32.18 29.79 -15.68
C LEU P 52 -31.97 30.76 -16.83
N ASP P 53 -32.84 31.77 -16.91
CA ASP P 53 -32.71 32.80 -17.92
C ASP P 53 -31.85 33.87 -17.26
N ALA P 54 -31.44 34.87 -18.02
CA ALA P 54 -30.59 35.93 -17.48
C ALA P 54 -31.16 36.66 -16.26
N PRO P 55 -32.44 37.05 -16.31
CA PRO P 55 -33.04 37.75 -15.17
C PRO P 55 -32.97 36.98 -13.85
N GLN P 56 -33.52 35.77 -13.85
CA GLN P 56 -33.55 34.91 -12.67
C GLN P 56 -32.14 34.70 -12.11
N TYR P 57 -31.20 34.37 -13.01
CA TYR P 57 -29.80 34.12 -12.62
C TYR P 57 -29.14 35.31 -11.97
N HIS P 58 -29.36 36.50 -12.53
CA HIS P 58 -28.78 37.72 -11.98
C HIS P 58 -29.47 38.13 -10.69
N ALA P 59 -30.73 37.74 -10.55
CA ALA P 59 -31.47 38.09 -9.34
C ALA P 59 -30.91 37.31 -8.17
N LEU P 60 -30.63 36.02 -8.37
CA LEU P 60 -30.08 35.18 -7.31
C LEU P 60 -28.76 35.72 -6.79
N SER P 61 -28.52 35.51 -5.50
CA SER P 61 -27.30 35.96 -4.86
C SER P 61 -26.72 34.79 -4.08
N VAL P 62 -25.70 34.14 -4.66
CA VAL P 62 -25.06 33.00 -4.04
C VAL P 62 -24.81 33.19 -2.55
N GLY P 63 -25.20 32.19 -1.77
CA GLY P 63 -25.00 32.26 -0.33
C GLY P 63 -26.28 32.45 0.46
N ASP P 64 -27.30 33.06 -0.14
CA ASP P 64 -28.56 33.29 0.57
C ASP P 64 -29.32 32.00 0.82
N ARG P 65 -30.09 31.99 1.91
CA ARG P 65 -30.92 30.84 2.26
C ARG P 65 -32.34 31.35 2.07
N GLY P 66 -33.28 30.46 1.79
CA GLY P 66 -34.66 30.90 1.59
C GLY P 66 -35.58 29.79 1.12
N MSE P 67 -36.56 30.15 0.30
CA MSE P 67 -37.51 29.15 -0.20
C MSE P 67 -37.38 28.92 -1.70
O MSE P 67 -37.34 29.87 -2.49
CB MSE P 67 -38.94 29.59 0.14
CG MSE P 67 -39.94 28.43 0.22
SE MSE P 67 -39.38 27.08 1.53
CE MSE P 67 -39.44 28.17 3.13
N LEU P 68 -37.31 27.64 -2.09
CA LEU P 68 -37.17 27.26 -3.48
C LEU P 68 -38.42 26.56 -4.04
N SER P 69 -39.03 27.18 -5.06
CA SER P 69 -40.21 26.62 -5.69
C SER P 69 -39.82 26.06 -7.05
N TYR P 70 -39.91 24.74 -7.20
CA TYR P 70 -39.56 24.09 -8.45
C TYR P 70 -40.62 23.13 -8.94
N LYS P 71 -41.32 23.51 -10.01
CA LYS P 71 -42.35 22.64 -10.58
C LYS P 71 -41.63 21.53 -11.34
N GLY P 72 -41.19 20.51 -10.61
CA GLY P 72 -40.49 19.40 -11.23
C GLY P 72 -39.03 19.73 -11.45
N THR P 73 -38.54 19.47 -12.66
CA THR P 73 -37.16 19.75 -13.00
C THR P 73 -37.06 21.15 -13.60
N ALA P 74 -38.08 21.97 -13.33
CA ALA P 74 -38.14 23.33 -13.83
C ALA P 74 -38.16 24.34 -12.67
N PHE P 75 -37.21 25.28 -12.69
CA PHE P 75 -37.13 26.31 -11.65
C PHE P 75 -38.31 27.28 -11.74
N VAL P 76 -38.89 27.62 -10.60
CA VAL P 76 -40.02 28.53 -10.58
C VAL P 76 -39.65 29.87 -9.93
N ALA P 77 -39.14 29.81 -8.70
CA ALA P 77 -38.76 31.04 -8.00
C ALA P 77 -38.08 30.82 -6.66
N PHE P 78 -37.09 31.65 -6.35
CA PHE P 78 -36.37 31.56 -5.08
C PHE P 78 -36.57 32.84 -4.29
N THR P 79 -36.99 32.71 -3.05
CA THR P 79 -37.21 33.86 -2.19
C THR P 79 -36.25 33.86 -1.01
N PRO P 80 -35.22 34.71 -1.06
CA PRO P 80 -34.25 34.79 0.03
C PRO P 80 -34.93 35.31 1.29
N ASP P 81 -34.47 34.89 2.45
CA ASP P 81 -35.05 35.34 3.71
C ASP P 81 -34.92 36.84 3.84
N PRO P 82 -35.86 37.50 4.53
CA PRO P 82 -35.75 38.95 4.66
C PRO P 82 -34.43 39.34 5.30
#